data_6UJH
#
_entry.id   6UJH
#
_cell.length_a   47.135
_cell.length_b   47.274
_cell.length_c   68.542
_cell.angle_alpha   89.980
_cell.angle_beta   90.500
_cell.angle_gamma   104.350
#
_symmetry.space_group_name_H-M   'P 1'
#
loop_
_entity.id
_entity.type
_entity.pdbx_description
1 polymer 'WD repeat-containing protein 5'
2 non-polymer (2R)-2-(4-chlorophenyl)-3-oxobutanenitrile
3 non-polymer 'SULFATE ION'
4 non-polymer 'DIMETHYL SULFOXIDE'
5 water water
#
_entity_poly.entity_id   1
_entity_poly.type   'polypeptide(L)'
_entity_poly.pdbx_seq_one_letter_code
;SATQSKPTPVKPNYALKFTLAGHTKAVSSVKFSPNGEWLASSSADKLIKIWGAYDGKFEKTISGHKLGISDVAWSSDSNL
LVSASDDKTLKIWDVSSGKCLKTLKGHSNYVFCCNFNPQSNLIVSGSFDESVRIWDVKTGKCLKTLPAHSDPVSAVHFNR
DGSLIVSSSYDGLCRIWDTASGQCLKTLIDDDNPPVSFVKFSPNGKYILAATLDNTLKLWDYSKGKCLKTYTGHKNEKYC
IFANFSVTGGKWIVSGSEDNLVYIWNLQTKEIVQKLQGHTDVVISTACHPTENIIASAALENDKTIKLWKSDC
;
_entity_poly.pdbx_strand_id   A,B
#
loop_
_chem_comp.id
_chem_comp.type
_chem_comp.name
_chem_comp.formula
DMS non-polymer 'DIMETHYL SULFOXIDE' 'C2 H6 O S'
QBS non-polymer (2R)-2-(4-chlorophenyl)-3-oxobutanenitrile 'C10 H8 Cl N O'
SO4 non-polymer 'SULFATE ION' 'O4 S -2'
#
# COMPACT_ATOMS: atom_id res chain seq x y z
N SER A 1 21.22 -12.75 -5.81
CA SER A 1 22.53 -13.22 -5.37
C SER A 1 22.67 -13.11 -3.86
N ALA A 2 23.43 -14.02 -3.27
CA ALA A 2 23.68 -14.01 -1.83
C ALA A 2 24.46 -12.77 -1.39
N THR A 3 25.08 -12.10 -2.35
CA THR A 3 25.87 -10.90 -2.06
C THR A 3 25.05 -9.61 -2.17
N GLN A 4 23.78 -9.72 -2.56
CA GLN A 4 22.89 -8.56 -2.53
C GLN A 4 22.79 -8.09 -1.09
N SER A 5 22.88 -6.77 -0.89
CA SER A 5 22.92 -6.24 0.46
C SER A 5 22.07 -5.01 0.65
N LYS A 6 21.66 -4.76 1.89
CA LYS A 6 21.04 -3.50 2.26
C LYS A 6 22.16 -2.47 2.36
N PRO A 7 21.99 -1.32 1.69
CA PRO A 7 23.03 -0.30 1.72
C PRO A 7 23.13 0.35 3.10
N THR A 8 24.33 0.76 3.48
CA THR A 8 24.54 1.49 4.71
C THR A 8 23.77 2.80 4.64
N PRO A 9 22.97 3.10 5.67
CA PRO A 9 22.22 4.36 5.72
C PRO A 9 23.14 5.56 5.61
N VAL A 10 22.76 6.54 4.80
CA VAL A 10 23.56 7.74 4.63
C VAL A 10 22.70 8.94 4.95
N LYS A 11 23.23 9.88 5.72
N LYS A 11 23.24 9.89 5.72
CA LYS A 11 22.52 11.11 6.04
CA LYS A 11 22.52 11.11 6.04
C LYS A 11 22.29 11.93 4.79
C LYS A 11 22.27 11.91 4.77
N PRO A 12 21.15 12.64 4.71
CA PRO A 12 20.85 13.43 3.52
C PRO A 12 21.72 14.67 3.49
N ASN A 13 21.83 15.28 2.32
CA ASN A 13 22.64 16.49 2.17
C ASN A 13 21.86 17.53 1.39
N TYR A 14 20.60 17.72 1.78
CA TYR A 14 19.77 18.76 1.19
C TYR A 14 20.50 20.10 1.15
N ALA A 15 20.51 20.68 -0.04
CA ALA A 15 21.18 21.94 -0.29
C ALA A 15 20.22 22.82 -1.08
N LEU A 16 20.27 24.12 -0.81
CA LEU A 16 19.36 25.07 -1.45
C LEU A 16 19.66 25.16 -2.94
N LYS A 17 18.62 24.98 -3.76
CA LYS A 17 18.79 25.10 -5.20
C LYS A 17 18.06 26.29 -5.79
N PHE A 18 16.85 26.55 -5.29
CA PHE A 18 16.06 27.66 -5.81
C PHE A 18 15.28 28.37 -4.72
N THR A 19 15.14 29.68 -4.87
CA THR A 19 14.25 30.47 -4.02
C THR A 19 13.16 31.03 -4.92
N LEU A 20 11.92 30.80 -4.52
CA LEU A 20 10.76 31.10 -5.36
C LEU A 20 10.04 32.30 -4.77
N ALA A 21 10.22 33.45 -5.42
CA ALA A 21 9.66 34.70 -4.93
C ALA A 21 8.47 35.11 -5.79
N GLY A 22 7.49 35.75 -5.16
CA GLY A 22 6.33 36.22 -5.88
C GLY A 22 5.15 36.49 -4.97
N HIS A 23 4.97 35.66 -3.94
CA HIS A 23 3.94 35.95 -2.95
C HIS A 23 4.26 37.23 -2.19
N THR A 24 3.22 37.96 -1.79
CA THR A 24 3.42 39.26 -1.16
C THR A 24 3.02 39.27 0.32
N LYS A 25 2.60 38.11 0.81
CA LYS A 25 2.36 37.89 2.24
C LYS A 25 2.85 36.49 2.58
N ALA A 26 2.69 36.09 3.83
CA ALA A 26 3.13 34.78 4.30
C ALA A 26 2.66 33.66 3.37
N VAL A 27 3.54 32.72 3.08
CA VAL A 27 3.11 31.53 2.37
C VAL A 27 2.54 30.61 3.44
N SER A 28 1.45 29.91 3.12
CA SER A 28 0.79 29.09 4.12
C SER A 28 0.93 27.60 3.88
N SER A 29 1.14 27.21 2.62
N SER A 29 1.12 27.20 2.61
CA SER A 29 1.29 25.81 2.29
CA SER A 29 1.32 25.79 2.31
C SER A 29 2.03 25.64 0.97
C SER A 29 1.96 25.59 0.95
N VAL A 30 2.70 24.50 0.84
CA VAL A 30 3.28 24.11 -0.45
C VAL A 30 3.03 22.62 -0.61
N LYS A 31 2.73 22.19 -1.84
CA LYS A 31 2.45 20.79 -2.12
C LYS A 31 2.93 20.44 -3.50
N PHE A 32 3.63 19.30 -3.62
CA PHE A 32 4.01 18.79 -4.94
C PHE A 32 2.85 18.03 -5.58
N SER A 33 2.67 18.21 -6.89
CA SER A 33 1.67 17.43 -7.60
C SER A 33 2.07 15.95 -7.57
N PRO A 34 1.09 15.04 -7.52
CA PRO A 34 1.41 13.61 -7.50
C PRO A 34 2.25 13.15 -8.68
N ASN A 35 2.12 13.79 -9.84
CA ASN A 35 2.93 13.40 -11.00
C ASN A 35 4.34 13.98 -10.99
N GLY A 36 4.66 14.72 -9.93
CA GLY A 36 6.01 15.24 -9.72
C GLY A 36 6.38 16.46 -10.54
N GLU A 37 5.48 16.95 -11.39
CA GLU A 37 5.81 18.04 -12.30
C GLU A 37 5.72 19.43 -11.69
N TRP A 38 4.83 19.60 -10.72
CA TRP A 38 4.50 20.94 -10.26
C TRP A 38 4.54 21.08 -8.74
N LEU A 39 4.77 22.32 -8.30
CA LEU A 39 4.59 22.69 -6.90
C LEU A 39 3.50 23.74 -6.84
N ALA A 40 2.52 23.55 -5.95
CA ALA A 40 1.52 24.58 -5.71
C ALA A 40 1.80 25.22 -4.37
N SER A 41 1.63 26.54 -4.30
CA SER A 41 1.74 27.25 -3.05
C SER A 41 0.48 28.08 -2.80
N SER A 42 0.14 28.27 -1.53
CA SER A 42 -0.95 29.16 -1.16
C SER A 42 -0.41 30.21 -0.22
N SER A 43 -1.12 31.31 -0.11
CA SER A 43 -0.61 32.42 0.68
C SER A 43 -1.72 33.25 1.29
N ALA A 44 -1.35 33.96 2.36
CA ALA A 44 -2.21 34.97 2.93
C ALA A 44 -2.52 36.10 1.93
N ASP A 45 -1.78 36.16 0.82
CA ASP A 45 -2.04 37.16 -0.22
C ASP A 45 -3.24 36.83 -1.12
N LYS A 46 -4.00 35.80 -0.75
CA LYS A 46 -5.20 35.35 -1.45
C LYS A 46 -4.91 34.56 -2.72
N LEU A 47 -3.64 34.25 -2.97
CA LEU A 47 -3.26 33.66 -4.26
C LEU A 47 -2.73 32.24 -4.12
N ILE A 48 -2.92 31.47 -5.18
CA ILE A 48 -2.24 30.21 -5.37
C ILE A 48 -1.24 30.43 -6.49
N LYS A 49 -0.03 29.93 -6.31
CA LYS A 49 0.93 29.97 -7.39
C LYS A 49 1.42 28.58 -7.74
N ILE A 50 1.71 28.36 -9.01
CA ILE A 50 2.20 27.07 -9.50
C ILE A 50 3.62 27.32 -9.98
N TRP A 51 4.51 26.40 -9.64
CA TRP A 51 5.92 26.52 -9.98
C TRP A 51 6.41 25.18 -10.50
N GLY A 52 7.44 25.20 -11.33
CA GLY A 52 8.07 23.96 -11.76
C GLY A 52 8.65 23.25 -10.54
N ALA A 53 8.34 21.96 -10.41
CA ALA A 53 8.79 21.20 -9.24
C ALA A 53 10.29 20.98 -9.22
N TYR A 54 10.89 20.93 -10.40
CA TYR A 54 12.29 20.60 -10.54
C TYR A 54 13.15 21.84 -10.72
N ASP A 55 12.58 22.85 -11.39
CA ASP A 55 13.37 24.02 -11.75
C ASP A 55 12.94 25.30 -11.05
N GLY A 56 11.85 25.21 -10.28
CA GLY A 56 11.38 26.31 -9.46
C GLY A 56 10.78 27.47 -10.25
N LYS A 57 10.61 27.28 -11.55
CA LYS A 57 10.18 28.36 -12.43
C LYS A 57 8.72 28.68 -12.24
N PHE A 58 8.41 29.96 -12.02
CA PHE A 58 7.02 30.37 -11.92
C PHE A 58 6.22 29.93 -13.15
N GLU A 59 5.05 29.35 -12.92
CA GLU A 59 4.21 28.91 -14.03
C GLU A 59 2.95 29.77 -14.18
N LYS A 60 2.19 29.94 -13.12
CA LYS A 60 0.97 30.74 -13.17
C LYS A 60 0.47 31.12 -11.77
N THR A 61 -0.36 32.14 -11.72
CA THR A 61 -1.03 32.54 -10.50
C THR A 61 -2.50 32.19 -10.69
N ILE A 62 -3.10 31.66 -9.63
CA ILE A 62 -4.50 31.28 -9.65
C ILE A 62 -5.20 32.14 -8.61
N SER A 63 -6.20 32.89 -9.05
N SER A 63 -6.20 32.89 -9.04
CA SER A 63 -6.84 33.90 -8.23
CA SER A 63 -6.83 33.86 -8.16
C SER A 63 -8.35 33.70 -8.12
C SER A 63 -8.34 33.72 -8.12
N GLY A 64 -8.94 34.17 -7.02
CA GLY A 64 -10.38 34.09 -6.86
C GLY A 64 -10.88 34.21 -5.43
N HIS A 65 -10.10 33.69 -4.48
CA HIS A 65 -10.47 33.83 -3.07
C HIS A 65 -10.47 35.29 -2.66
N LYS A 66 -11.38 35.63 -1.74
CA LYS A 66 -11.56 37.01 -1.33
C LYS A 66 -10.74 37.38 -0.10
N LEU A 67 -10.17 36.37 0.54
CA LEU A 67 -9.30 36.54 1.69
C LEU A 67 -8.21 35.49 1.63
N GLY A 68 -7.31 35.52 2.61
CA GLY A 68 -6.15 34.65 2.62
C GLY A 68 -6.46 33.16 2.55
N ILE A 69 -5.49 32.41 2.05
CA ILE A 69 -5.63 30.97 1.89
C ILE A 69 -4.71 30.26 2.86
N SER A 70 -5.22 29.25 3.56
CA SER A 70 -4.43 28.48 4.53
C SER A 70 -3.83 27.20 4.00
N ASP A 71 -4.44 26.63 2.97
CA ASP A 71 -4.04 25.29 2.52
C ASP A 71 -4.44 25.10 1.08
N VAL A 72 -3.70 24.29 0.36
CA VAL A 72 -4.08 23.91 -0.99
C VAL A 72 -3.68 22.44 -1.13
N ALA A 73 -4.39 21.70 -1.99
CA ALA A 73 -4.11 20.26 -2.12
C ALA A 73 -4.46 19.78 -3.52
N TRP A 74 -3.73 18.78 -3.99
CA TRP A 74 -3.87 18.27 -5.35
C TRP A 74 -4.80 17.06 -5.44
N SER A 75 -5.50 16.94 -6.56
CA SER A 75 -6.16 15.68 -6.86
C SER A 75 -5.12 14.63 -7.29
N SER A 76 -5.50 13.36 -7.26
CA SER A 76 -4.57 12.28 -7.57
C SER A 76 -4.02 12.35 -8.98
N ASP A 77 -4.81 12.86 -9.92
CA ASP A 77 -4.36 12.93 -11.30
C ASP A 77 -3.60 14.22 -11.64
N SER A 78 -3.34 15.02 -10.61
CA SER A 78 -2.59 16.28 -10.74
C SER A 78 -3.30 17.35 -11.56
N ASN A 79 -4.58 17.13 -11.88
CA ASN A 79 -5.30 18.08 -12.71
C ASN A 79 -6.06 19.15 -11.94
N LEU A 80 -6.42 18.84 -10.69
CA LEU A 80 -7.21 19.75 -9.87
C LEU A 80 -6.48 20.19 -8.61
N LEU A 81 -6.81 21.38 -8.13
CA LEU A 81 -6.44 21.81 -6.79
C LEU A 81 -7.69 22.13 -6.00
N VAL A 82 -7.60 21.96 -4.68
CA VAL A 82 -8.60 22.54 -3.78
C VAL A 82 -7.88 23.46 -2.80
N SER A 83 -8.48 24.60 -2.50
CA SER A 83 -7.89 25.54 -1.55
C SER A 83 -8.87 25.85 -0.43
N ALA A 84 -8.33 26.15 0.72
CA ALA A 84 -9.13 26.48 1.91
C ALA A 84 -8.84 27.91 2.33
N SER A 85 -9.87 28.72 2.52
CA SER A 85 -9.65 30.16 2.70
C SER A 85 -10.37 30.77 3.90
N ASP A 86 -9.84 31.91 4.34
CA ASP A 86 -10.46 32.69 5.41
C ASP A 86 -11.80 33.27 4.95
N ASP A 87 -12.07 33.23 3.64
CA ASP A 87 -13.37 33.67 3.12
C ASP A 87 -14.50 32.68 3.38
N LYS A 88 -14.16 31.61 4.12
CA LYS A 88 -15.11 30.59 4.58
C LYS A 88 -15.45 29.58 3.50
N THR A 89 -14.77 29.65 2.36
CA THR A 89 -15.03 28.71 1.29
C THR A 89 -13.82 27.87 0.98
N LEU A 90 -14.05 26.77 0.29
CA LEU A 90 -13.00 26.11 -0.47
C LEU A 90 -13.31 26.33 -1.93
N LYS A 91 -12.26 26.30 -2.75
CA LYS A 91 -12.48 26.36 -4.19
C LYS A 91 -11.75 25.20 -4.86
N ILE A 92 -12.39 24.63 -5.88
CA ILE A 92 -11.79 23.58 -6.69
C ILE A 92 -11.35 24.24 -7.99
N TRP A 93 -10.10 24.00 -8.37
CA TRP A 93 -9.51 24.67 -9.52
C TRP A 93 -9.06 23.69 -10.56
N ASP A 94 -9.28 24.06 -11.82
CA ASP A 94 -8.64 23.36 -12.94
C ASP A 94 -7.28 23.99 -13.12
N VAL A 95 -6.21 23.24 -12.84
CA VAL A 95 -4.87 23.81 -12.83
C VAL A 95 -4.43 24.29 -14.21
N SER A 96 -4.80 23.54 -15.24
N SER A 96 -4.80 23.54 -15.25
CA SER A 96 -4.40 23.87 -16.61
CA SER A 96 -4.39 23.88 -16.61
C SER A 96 -4.95 25.22 -17.06
C SER A 96 -4.96 25.22 -17.07
N SER A 97 -6.23 25.47 -16.76
CA SER A 97 -6.88 26.70 -17.18
C SER A 97 -6.78 27.80 -16.12
N GLY A 98 -6.58 27.38 -14.87
CA GLY A 98 -6.53 28.29 -13.74
C GLY A 98 -7.91 28.73 -13.27
N LYS A 99 -8.95 28.12 -13.83
N LYS A 99 -8.95 28.14 -13.81
CA LYS A 99 -10.32 28.51 -13.53
CA LYS A 99 -10.29 28.53 -13.50
C LYS A 99 -10.89 27.82 -12.29
C LYS A 99 -10.85 27.84 -12.23
N CYS A 100 -11.76 28.53 -11.59
CA CYS A 100 -12.45 27.95 -10.46
C CYS A 100 -13.62 27.13 -10.95
N LEU A 101 -13.56 25.81 -10.72
CA LEU A 101 -14.62 24.91 -11.14
C LEU A 101 -15.82 24.98 -10.21
N LYS A 102 -15.56 24.98 -8.90
CA LYS A 102 -16.60 24.97 -7.89
C LYS A 102 -16.17 25.77 -6.67
N THR A 103 -17.14 26.43 -6.02
CA THR A 103 -16.89 27.04 -4.71
C THR A 103 -17.70 26.27 -3.67
N LEU A 104 -17.02 25.77 -2.66
CA LEU A 104 -17.65 24.90 -1.67
C LEU A 104 -18.04 25.75 -0.48
N LYS A 105 -19.34 25.95 -0.32
CA LYS A 105 -19.85 26.85 0.72
C LYS A 105 -20.58 26.05 1.78
N GLY A 106 -20.37 26.44 3.03
CA GLY A 106 -21.04 25.76 4.14
C GLY A 106 -20.39 26.04 5.48
N HIS A 107 -19.06 26.07 5.52
CA HIS A 107 -18.38 26.44 6.76
C HIS A 107 -18.78 27.84 7.22
N SER A 108 -18.81 28.05 8.53
CA SER A 108 -19.25 29.35 9.07
C SER A 108 -18.08 30.18 9.59
N ASN A 109 -16.87 29.72 9.35
CA ASN A 109 -15.69 30.48 9.73
C ASN A 109 -14.55 30.02 8.83
N TYR A 110 -13.34 30.51 9.11
CA TYR A 110 -12.17 30.25 8.27
C TYR A 110 -12.02 28.78 7.98
N VAL A 111 -11.72 28.42 6.74
CA VAL A 111 -11.40 27.03 6.43
C VAL A 111 -9.89 26.91 6.50
N PHE A 112 -9.39 25.97 7.30
N PHE A 112 -9.40 25.98 7.32
CA PHE A 112 -7.96 25.93 7.58
CA PHE A 112 -7.98 25.90 7.66
C PHE A 112 -7.21 24.81 6.86
C PHE A 112 -7.21 24.81 6.90
N CYS A 113 -7.91 23.75 6.51
CA CYS A 113 -7.24 22.59 5.96
C CYS A 113 -8.12 21.83 4.99
N CYS A 114 -7.49 21.15 4.04
CA CYS A 114 -8.25 20.45 3.01
C CYS A 114 -7.42 19.36 2.36
N ASN A 115 -8.12 18.37 1.81
CA ASN A 115 -7.48 17.30 1.06
C ASN A 115 -8.49 16.58 0.19
N PHE A 116 -8.05 16.10 -0.95
CA PHE A 116 -8.83 15.14 -1.75
C PHE A 116 -8.63 13.75 -1.16
N ASN A 117 -9.60 12.87 -1.35
CA ASN A 117 -9.35 11.44 -1.14
C ASN A 117 -8.57 10.87 -2.31
N PRO A 118 -7.99 9.68 -2.14
CA PRO A 118 -7.19 9.16 -3.25
C PRO A 118 -7.98 9.00 -4.56
N GLN A 119 -9.23 8.55 -4.47
CA GLN A 119 -10.07 8.43 -5.66
C GLN A 119 -10.32 9.82 -6.27
N SER A 120 -10.22 10.82 -5.40
CA SER A 120 -10.39 12.23 -5.74
C SER A 120 -11.80 12.60 -6.16
N ASN A 121 -12.76 11.79 -5.72
CA ASN A 121 -14.17 12.13 -5.87
C ASN A 121 -14.68 12.92 -4.66
N LEU A 122 -13.90 12.93 -3.58
CA LEU A 122 -14.29 13.66 -2.37
C LEU A 122 -13.22 14.64 -1.96
N ILE A 123 -13.65 15.71 -1.28
CA ILE A 123 -12.74 16.58 -0.55
C ILE A 123 -13.15 16.59 0.91
N VAL A 124 -12.16 16.60 1.79
CA VAL A 124 -12.43 16.80 3.21
C VAL A 124 -11.85 18.17 3.61
N SER A 125 -12.57 18.88 4.47
CA SER A 125 -12.11 20.17 4.95
C SER A 125 -12.25 20.29 6.47
N GLY A 126 -11.44 21.15 7.07
CA GLY A 126 -11.54 21.43 8.50
C GLY A 126 -11.51 22.92 8.71
N SER A 127 -12.26 23.39 9.71
CA SER A 127 -12.49 24.81 9.87
C SER A 127 -12.35 25.32 11.30
N PHE A 128 -12.13 26.61 11.42
CA PHE A 128 -12.24 27.28 12.71
C PHE A 128 -13.62 27.04 13.36
N ASP A 129 -14.63 26.76 12.54
CA ASP A 129 -15.98 26.48 13.05
C ASP A 129 -16.14 25.14 13.77
N GLU A 130 -15.03 24.39 13.86
CA GLU A 130 -14.91 23.16 14.66
C GLU A 130 -15.50 21.94 13.98
N SER A 131 -15.90 22.10 12.73
CA SER A 131 -16.46 21.00 11.97
C SER A 131 -15.47 20.47 10.95
N VAL A 132 -15.71 19.23 10.55
CA VAL A 132 -15.07 18.67 9.39
C VAL A 132 -16.17 18.43 8.36
N ARG A 133 -15.96 18.87 7.13
CA ARG A 133 -16.94 18.64 6.08
C ARG A 133 -16.39 17.74 4.98
N ILE A 134 -17.28 16.94 4.40
CA ILE A 134 -16.95 16.05 3.29
C ILE A 134 -17.76 16.50 2.10
N TRP A 135 -17.07 16.76 0.99
CA TRP A 135 -17.68 17.39 -0.18
C TRP A 135 -17.59 16.48 -1.39
N ASP A 136 -18.61 16.53 -2.23
CA ASP A 136 -18.58 15.87 -3.52
C ASP A 136 -17.87 16.78 -4.52
N VAL A 137 -16.78 16.28 -5.11
CA VAL A 137 -15.97 17.06 -6.04
C VAL A 137 -16.77 17.47 -7.27
N LYS A 138 -17.49 16.51 -7.84
CA LYS A 138 -18.21 16.74 -9.09
C LYS A 138 -19.31 17.78 -8.95
N THR A 139 -20.11 17.65 -7.91
CA THR A 139 -21.27 18.53 -7.75
C THR A 139 -20.92 19.79 -7.00
N GLY A 140 -19.84 19.73 -6.22
CA GLY A 140 -19.39 20.87 -5.44
C GLY A 140 -20.23 21.08 -4.20
N LYS A 141 -20.97 20.06 -3.81
CA LYS A 141 -21.89 20.17 -2.67
C LYS A 141 -21.42 19.39 -1.45
N CYS A 142 -21.84 19.83 -0.27
CA CYS A 142 -21.44 19.18 0.96
C CYS A 142 -22.24 17.90 1.17
N LEU A 143 -21.53 16.79 1.36
CA LEU A 143 -22.18 15.51 1.62
C LEU A 143 -22.49 15.31 3.11
N LYS A 144 -21.51 15.63 3.95
CA LYS A 144 -21.64 15.44 5.39
C LYS A 144 -20.96 16.56 6.16
N THR A 145 -21.55 16.91 7.29
CA THR A 145 -20.89 17.81 8.24
C THR A 145 -20.69 17.04 9.54
N LEU A 146 -19.44 16.90 9.93
CA LEU A 146 -19.13 16.17 11.15
C LEU A 146 -18.84 17.17 12.27
N PRO A 147 -19.53 17.02 13.41
CA PRO A 147 -19.26 17.89 14.57
C PRO A 147 -18.01 17.37 15.25
N ALA A 148 -16.88 17.59 14.59
CA ALA A 148 -15.69 16.79 14.84
C ALA A 148 -14.95 17.14 16.11
N HIS A 149 -14.94 18.43 16.45
CA HIS A 149 -14.08 18.90 17.52
C HIS A 149 -14.73 20.02 18.29
N SER A 150 -14.11 20.41 19.40
CA SER A 150 -14.64 21.50 20.22
C SER A 150 -13.74 22.74 20.19
N ASP A 151 -12.91 22.82 19.16
CA ASP A 151 -12.01 23.95 18.91
C ASP A 151 -11.64 23.87 17.43
N PRO A 152 -10.92 24.88 16.89
CA PRO A 152 -10.60 24.81 15.46
C PRO A 152 -9.91 23.53 15.03
N VAL A 153 -10.25 23.08 13.83
CA VAL A 153 -9.68 21.87 13.25
C VAL A 153 -8.41 22.25 12.50
N SER A 154 -7.30 21.65 12.90
CA SER A 154 -6.00 22.04 12.37
C SER A 154 -5.55 21.25 11.13
N ALA A 155 -6.04 20.03 11.00
CA ALA A 155 -5.64 19.18 9.87
C ALA A 155 -6.70 18.13 9.60
N VAL A 156 -6.81 17.73 8.34
CA VAL A 156 -7.67 16.63 7.92
C VAL A 156 -6.96 15.86 6.81
N HIS A 157 -7.04 14.53 6.85
CA HIS A 157 -6.32 13.71 5.88
C HIS A 157 -7.05 12.38 5.68
N PHE A 158 -7.17 11.95 4.43
CA PHE A 158 -7.69 10.62 4.12
C PHE A 158 -6.59 9.57 4.18
N ASN A 159 -6.95 8.34 4.52
CA ASN A 159 -6.01 7.23 4.37
C ASN A 159 -5.95 6.76 2.90
N ARG A 160 -5.22 5.68 2.63
CA ARG A 160 -4.83 5.36 1.25
C ARG A 160 -5.98 4.90 0.36
N ASP A 161 -7.08 4.46 0.95
CA ASP A 161 -8.24 4.10 0.14
C ASP A 161 -9.44 5.02 0.39
N GLY A 162 -9.19 6.11 1.11
CA GLY A 162 -10.24 7.07 1.40
C GLY A 162 -11.34 6.59 2.34
N SER A 163 -11.14 5.43 2.97
CA SER A 163 -12.18 4.87 3.85
C SER A 163 -12.17 5.52 5.24
N LEU A 164 -11.07 6.19 5.57
CA LEU A 164 -10.93 6.86 6.86
C LEU A 164 -10.45 8.27 6.67
N ILE A 165 -10.84 9.12 7.60
CA ILE A 165 -10.34 10.49 7.69
C ILE A 165 -9.75 10.63 9.07
N VAL A 166 -8.56 11.24 9.17
CA VAL A 166 -8.06 11.62 10.48
C VAL A 166 -8.13 13.13 10.60
N SER A 167 -8.57 13.60 11.77
CA SER A 167 -8.64 15.04 12.02
C SER A 167 -7.93 15.37 13.31
N SER A 168 -7.48 16.61 13.42
CA SER A 168 -6.84 17.06 14.66
C SER A 168 -7.34 18.44 15.01
N SER A 169 -7.19 18.75 16.28
CA SER A 169 -7.73 20.01 16.77
C SER A 169 -6.84 20.52 17.90
N TYR A 170 -7.19 21.73 18.25
N TYR A 170 -7.14 21.80 18.17
CA TYR A 170 -6.64 22.54 19.31
CA TYR A 170 -6.62 22.58 19.30
C TYR A 170 -7.33 22.10 20.56
C TYR A 170 -7.31 22.03 20.55
N ASP A 171 -8.53 21.53 20.41
CA ASP A 171 -9.05 20.76 21.56
C ASP A 171 -8.20 19.62 22.18
N GLY A 172 -7.09 19.26 21.53
CA GLY A 172 -6.16 18.30 22.09
C GLY A 172 -6.41 16.89 21.58
N LEU A 173 -7.41 16.74 20.73
CA LEU A 173 -7.78 15.42 20.23
C LEU A 173 -7.37 15.15 18.81
N CYS A 174 -7.09 13.87 18.53
N CYS A 174 -7.16 13.86 18.54
CA CYS A 174 -7.06 13.36 17.18
CA CYS A 174 -7.03 13.35 17.19
C CYS A 174 -8.23 12.42 17.07
C CYS A 174 -8.12 12.31 17.00
N ARG A 175 -8.95 12.48 15.97
CA ARG A 175 -10.06 11.54 15.75
C ARG A 175 -9.99 10.86 14.39
N ILE A 176 -10.39 9.60 14.36
CA ILE A 176 -10.50 8.84 13.11
C ILE A 176 -11.96 8.64 12.78
N TRP A 177 -12.32 8.96 11.54
CA TRP A 177 -13.71 8.91 11.09
C TRP A 177 -13.88 7.91 9.96
N ASP A 178 -15.01 7.22 9.99
CA ASP A 178 -15.42 6.39 8.87
C ASP A 178 -16.00 7.30 7.81
N THR A 179 -15.34 7.37 6.66
CA THR A 179 -15.77 8.30 5.63
C THR A 179 -17.21 8.09 5.18
N ALA A 180 -17.57 6.83 4.94
CA ALA A 180 -18.88 6.51 4.39
C ALA A 180 -20.05 6.94 5.28
N SER A 181 -19.88 6.80 6.60
CA SER A 181 -20.98 7.06 7.52
C SER A 181 -20.81 8.38 8.27
N GLY A 182 -19.59 8.87 8.35
CA GLY A 182 -19.28 10.04 9.15
C GLY A 182 -19.14 9.73 10.63
N GLN A 183 -19.20 8.45 10.99
N GLN A 183 -19.19 8.45 10.98
CA GLN A 183 -19.09 8.07 12.39
CA GLN A 183 -19.08 8.02 12.37
C GLN A 183 -17.65 8.08 12.89
C GLN A 183 -17.63 8.09 12.88
N CYS A 184 -17.47 8.53 14.12
CA CYS A 184 -16.16 8.52 14.75
C CYS A 184 -15.82 7.11 15.19
N LEU A 185 -14.70 6.60 14.71
CA LEU A 185 -14.27 5.25 15.05
C LEU A 185 -13.29 5.23 16.22
N LYS A 186 -12.52 6.30 16.37
CA LYS A 186 -11.52 6.33 17.45
C LYS A 186 -11.10 7.76 17.80
N THR A 187 -10.82 7.98 19.08
CA THR A 187 -10.30 9.26 19.56
C THR A 187 -9.00 9.02 20.30
N LEU A 188 -7.97 9.80 20.00
N LEU A 188 -7.96 9.78 19.96
CA LEU A 188 -6.69 9.65 20.67
CA LEU A 188 -6.69 9.71 20.67
C LEU A 188 -6.52 10.69 21.78
C LEU A 188 -6.68 10.70 21.82
N ILE A 189 -6.34 10.21 23.00
CA ILE A 189 -6.30 11.05 24.19
C ILE A 189 -4.89 11.27 24.74
N ASP A 190 -4.59 12.54 25.06
CA ASP A 190 -3.43 12.86 25.87
C ASP A 190 -3.94 13.48 27.16
N ASP A 191 -3.52 12.93 28.29
CA ASP A 191 -3.97 13.41 29.59
C ASP A 191 -3.45 14.82 29.87
N ASP A 192 -2.32 15.17 29.27
CA ASP A 192 -1.78 16.53 29.38
C ASP A 192 -2.45 17.43 28.35
N ASN A 193 -3.02 16.81 27.32
CA ASN A 193 -3.88 17.48 26.35
C ASN A 193 -3.33 18.72 25.63
N PRO A 194 -2.10 18.63 25.08
CA PRO A 194 -1.66 19.80 24.32
C PRO A 194 -2.44 19.90 23.01
N PRO A 195 -2.62 21.13 22.48
CA PRO A 195 -3.29 21.30 21.18
C PRO A 195 -2.61 20.46 20.12
N VAL A 196 -3.39 19.76 19.29
CA VAL A 196 -2.82 19.01 18.17
C VAL A 196 -2.89 19.90 16.95
N SER A 197 -1.72 20.24 16.42
CA SER A 197 -1.61 21.23 15.35
C SER A 197 -1.50 20.63 13.96
N PHE A 198 -1.31 19.32 13.86
CA PHE A 198 -1.22 18.68 12.56
C PHE A 198 -1.36 17.20 12.73
N VAL A 199 -1.94 16.54 11.74
CA VAL A 199 -2.00 15.09 11.70
C VAL A 199 -2.08 14.63 10.25
N LYS A 200 -1.53 13.45 9.97
CA LYS A 200 -1.72 12.81 8.68
C LYS A 200 -1.42 11.33 8.82
N PHE A 201 -2.02 10.54 7.93
CA PHE A 201 -1.69 9.11 7.84
C PHE A 201 -0.31 8.92 7.23
N SER A 202 0.33 7.83 7.61
CA SER A 202 1.57 7.40 6.98
C SER A 202 1.28 6.92 5.55
N PRO A 203 2.33 6.79 4.72
CA PRO A 203 2.09 6.44 3.31
C PRO A 203 1.49 5.05 3.09
N ASN A 204 1.49 4.21 4.12
CA ASN A 204 0.80 2.92 4.02
C ASN A 204 -0.48 2.88 4.86
N GLY A 205 -0.85 4.03 5.43
CA GLY A 205 -2.07 4.14 6.22
C GLY A 205 -2.06 3.42 7.56
N LYS A 206 -0.93 2.82 7.93
CA LYS A 206 -0.85 2.03 9.15
C LYS A 206 -0.67 2.92 10.39
N TYR A 207 -0.06 4.07 10.19
CA TYR A 207 0.25 4.93 11.33
C TYR A 207 -0.26 6.32 11.11
N ILE A 208 -0.31 7.11 12.19
N ILE A 208 -0.16 7.11 12.17
N ILE A 208 -0.16 7.11 12.17
CA ILE A 208 -0.57 8.53 12.04
CA ILE A 208 -0.57 8.51 12.13
CA ILE A 208 -0.59 8.50 12.19
C ILE A 208 0.54 9.32 12.69
C ILE A 208 0.54 9.36 12.74
C ILE A 208 0.55 9.36 12.74
N LEU A 209 0.91 10.42 12.03
CA LEU A 209 1.95 11.32 12.50
C LEU A 209 1.23 12.55 13.00
N ALA A 210 1.41 12.90 14.27
CA ALA A 210 0.69 14.03 14.86
C ALA A 210 1.64 15.03 15.52
N ALA A 211 1.40 16.32 15.28
CA ALA A 211 2.17 17.38 15.91
C ALA A 211 1.35 17.99 17.03
N THR A 212 2.00 18.26 18.16
CA THR A 212 1.36 18.97 19.25
C THR A 212 2.17 20.22 19.54
N LEU A 213 1.50 21.24 20.08
CA LEU A 213 2.15 22.54 20.33
C LEU A 213 3.01 22.56 21.58
N ASP A 214 3.75 21.48 21.78
CA ASP A 214 4.77 21.40 22.82
C ASP A 214 6.05 20.90 22.17
N ASN A 215 6.30 21.37 20.95
CA ASN A 215 7.53 21.06 20.22
C ASN A 215 7.72 19.56 20.00
N THR A 216 6.63 18.87 19.70
CA THR A 216 6.70 17.40 19.63
C THR A 216 5.91 16.84 18.45
N LEU A 217 6.56 15.93 17.71
CA LEU A 217 5.88 15.12 16.72
C LEU A 217 5.87 13.70 17.23
N LYS A 218 4.76 12.99 16.98
CA LYS A 218 4.65 11.60 17.41
C LYS A 218 4.12 10.70 16.29
N LEU A 219 4.73 9.52 16.14
CA LEU A 219 4.21 8.52 15.23
C LEU A 219 3.39 7.52 16.04
N TRP A 220 2.10 7.43 15.73
CA TRP A 220 1.19 6.54 16.45
C TRP A 220 0.73 5.35 15.62
N ASP A 221 0.73 4.16 16.21
CA ASP A 221 -0.02 3.06 15.64
C ASP A 221 -1.43 3.22 16.17
N TYR A 222 -2.34 3.68 15.31
CA TYR A 222 -3.67 4.04 15.77
C TYR A 222 -4.56 2.83 16.03
N SER A 223 -4.23 1.71 15.41
N SER A 223 -4.21 1.70 15.43
CA SER A 223 -4.96 0.48 15.65
CA SER A 223 -4.96 0.46 15.63
C SER A 223 -4.66 -0.03 17.06
C SER A 223 -4.62 -0.17 16.98
N LYS A 224 -3.39 0.06 17.45
CA LYS A 224 -2.98 -0.39 18.77
C LYS A 224 -3.11 0.74 19.80
N GLY A 225 -3.24 1.96 19.30
CA GLY A 225 -3.37 3.13 20.14
C GLY A 225 -2.12 3.38 20.97
N LYS A 226 -0.95 3.18 20.36
CA LYS A 226 0.31 3.39 21.06
C LYS A 226 1.33 4.17 20.24
N CYS A 227 2.11 4.99 20.94
CA CYS A 227 3.10 5.86 20.30
C CYS A 227 4.40 5.10 20.06
N LEU A 228 4.82 5.07 18.80
CA LEU A 228 6.00 4.30 18.41
C LEU A 228 7.28 5.12 18.41
N LYS A 229 7.18 6.39 18.02
CA LYS A 229 8.34 7.27 17.92
C LYS A 229 7.96 8.68 18.31
N THR A 230 8.94 9.41 18.85
CA THR A 230 8.77 10.82 19.16
C THR A 230 9.92 11.63 18.54
N TYR A 231 9.59 12.76 17.92
CA TYR A 231 10.59 13.59 17.28
C TYR A 231 10.55 14.97 17.90
N THR A 232 11.70 15.40 18.41
CA THR A 232 11.80 16.66 19.13
C THR A 232 13.06 17.40 18.69
N GLY A 233 13.23 18.61 19.20
CA GLY A 233 14.40 19.41 18.87
C GLY A 233 14.06 20.72 18.18
N HIS A 234 12.92 20.73 17.50
CA HIS A 234 12.46 21.90 16.78
C HIS A 234 11.58 22.77 17.67
N LYS A 235 11.10 23.86 17.11
CA LYS A 235 10.24 24.79 17.87
C LYS A 235 8.83 24.79 17.27
N ASN A 236 7.86 24.37 18.06
CA ASN A 236 6.48 24.38 17.59
C ASN A 236 5.53 24.55 18.75
N GLU A 237 5.25 25.81 19.08
CA GLU A 237 4.37 26.13 20.19
C GLU A 237 3.22 27.04 19.78
N LYS A 238 3.19 27.44 18.51
CA LYS A 238 2.17 28.41 18.10
C LYS A 238 1.41 28.05 16.82
N TYR A 239 2.15 27.67 15.78
CA TYR A 239 1.56 27.53 14.45
C TYR A 239 1.24 26.10 14.08
N CYS A 240 0.35 25.94 13.10
N CYS A 240 0.26 25.94 13.19
CA CYS A 240 0.03 24.62 12.59
CA CYS A 240 0.03 24.67 12.53
C CYS A 240 0.97 24.28 11.45
C CYS A 240 1.16 24.55 11.53
N ILE A 241 2.06 23.61 11.78
CA ILE A 241 3.15 23.36 10.87
C ILE A 241 3.01 21.96 10.32
N PHE A 242 3.02 21.85 8.99
CA PHE A 242 2.93 20.55 8.34
C PHE A 242 4.11 19.66 8.71
N ALA A 243 3.89 18.35 8.69
CA ALA A 243 5.02 17.43 8.72
C ALA A 243 4.86 16.42 7.61
N ASN A 244 5.99 15.85 7.18
CA ASN A 244 5.97 14.90 6.06
C ASN A 244 6.73 13.63 6.36
N PHE A 245 6.33 12.56 5.68
CA PHE A 245 7.20 11.40 5.51
C PHE A 245 7.99 11.56 4.21
N SER A 246 9.31 11.56 4.31
CA SER A 246 10.14 11.54 3.11
C SER A 246 10.49 10.10 2.82
N VAL A 247 10.15 9.63 1.62
CA VAL A 247 10.28 8.21 1.31
C VAL A 247 11.08 7.88 0.06
N THR A 248 11.53 8.91 -0.65
CA THR A 248 12.22 8.70 -1.93
C THR A 248 13.66 8.21 -1.76
N GLY A 249 14.26 8.56 -0.62
CA GLY A 249 15.61 8.14 -0.28
C GLY A 249 15.59 7.53 1.11
N GLY A 250 16.43 8.05 2.00
CA GLY A 250 16.38 7.63 3.39
C GLY A 250 15.01 7.97 3.94
N LYS A 251 14.53 7.15 4.88
CA LYS A 251 13.20 7.37 5.42
C LYS A 251 13.28 8.42 6.52
N TRP A 252 12.77 9.61 6.23
CA TRP A 252 12.84 10.72 7.18
C TRP A 252 11.46 11.20 7.59
N ILE A 253 11.44 11.91 8.73
CA ILE A 253 10.36 12.83 9.05
C ILE A 253 10.88 14.23 8.77
N VAL A 254 10.05 15.05 8.11
CA VAL A 254 10.43 16.41 7.76
C VAL A 254 9.40 17.38 8.33
N SER A 255 9.85 18.47 8.92
CA SER A 255 8.95 19.49 9.44
C SER A 255 9.58 20.86 9.44
N GLY A 256 8.76 21.88 9.23
CA GLY A 256 9.18 23.24 9.49
C GLY A 256 9.29 23.49 10.99
N SER A 257 9.64 24.72 11.34
CA SER A 257 9.90 25.05 12.74
C SER A 257 9.87 26.56 12.94
N GLU A 258 9.56 26.97 14.16
CA GLU A 258 9.41 28.37 14.49
C GLU A 258 10.74 29.08 14.71
N ASP A 259 11.83 28.33 14.58
CA ASP A 259 13.16 28.91 14.59
C ASP A 259 13.71 29.08 13.16
N ASN A 260 12.81 29.06 12.18
CA ASN A 260 13.13 29.33 10.77
C ASN A 260 13.93 28.24 10.09
N LEU A 261 13.96 27.05 10.68
CA LEU A 261 14.69 25.93 10.08
C LEU A 261 13.76 24.83 9.59
N VAL A 262 14.23 24.06 8.62
CA VAL A 262 13.60 22.79 8.26
C VAL A 262 14.34 21.70 9.02
N TYR A 263 13.59 20.87 9.73
CA TYR A 263 14.15 19.76 10.48
C TYR A 263 13.90 18.47 9.74
N ILE A 264 14.92 17.63 9.71
CA ILE A 264 14.83 16.32 9.11
C ILE A 264 15.32 15.32 10.14
N TRP A 265 14.46 14.36 10.49
CA TRP A 265 14.79 13.33 11.45
C TRP A 265 14.85 11.97 10.76
N ASN A 266 15.71 11.11 11.29
CA ASN A 266 15.69 9.69 10.93
C ASN A 266 14.41 9.09 11.50
N LEU A 267 13.59 8.49 10.65
CA LEU A 267 12.30 7.97 11.08
C LEU A 267 12.43 6.92 12.17
N GLN A 268 13.42 6.03 12.04
CA GLN A 268 13.60 4.97 13.02
C GLN A 268 14.33 5.41 14.30
N THR A 269 15.42 6.13 14.15
CA THR A 269 16.27 6.46 15.30
C THR A 269 15.86 7.75 16.02
N LYS A 270 15.03 8.55 15.35
CA LYS A 270 14.52 9.82 15.88
C LYS A 270 15.58 10.93 16.00
N GLU A 271 16.79 10.64 15.55
CA GLU A 271 17.87 11.62 15.57
C GLU A 271 17.68 12.65 14.46
N ILE A 272 17.96 13.91 14.77
CA ILE A 272 17.98 14.94 13.74
C ILE A 272 19.18 14.71 12.81
N VAL A 273 18.90 14.51 11.54
CA VAL A 273 19.97 14.25 10.57
C VAL A 273 20.36 15.48 9.76
N GLN A 274 19.47 16.46 9.70
CA GLN A 274 19.76 17.71 9.01
C GLN A 274 18.85 18.84 9.47
N LYS A 275 19.40 20.05 9.49
CA LYS A 275 18.62 21.26 9.71
C LYS A 275 18.93 22.19 8.55
N LEU A 276 17.90 22.59 7.80
CA LEU A 276 18.12 23.42 6.62
C LEU A 276 17.95 24.90 6.95
N GLN A 277 19.02 25.65 6.79
CA GLN A 277 19.04 27.07 7.13
C GLN A 277 18.90 27.92 5.87
N GLY A 278 18.15 29.01 5.97
CA GLY A 278 17.99 29.91 4.85
C GLY A 278 16.78 30.80 4.96
N HIS A 279 15.68 30.27 5.48
CA HIS A 279 14.49 31.08 5.67
C HIS A 279 14.70 32.14 6.75
N THR A 280 13.96 33.24 6.63
CA THR A 280 14.07 34.35 7.56
C THR A 280 12.77 34.59 8.33
N ASP A 281 11.91 33.58 8.33
CA ASP A 281 10.73 33.59 9.20
C ASP A 281 10.33 32.14 9.44
N VAL A 282 9.31 31.93 10.26
CA VAL A 282 8.82 30.61 10.60
C VAL A 282 8.56 29.78 9.35
N VAL A 283 9.09 28.55 9.33
CA VAL A 283 8.82 27.65 8.23
C VAL A 283 7.53 26.92 8.55
N ILE A 284 6.46 27.32 7.89
CA ILE A 284 5.12 26.85 8.22
C ILE A 284 4.75 25.60 7.44
N SER A 285 5.41 25.40 6.30
CA SER A 285 5.05 24.28 5.44
C SER A 285 6.26 23.70 4.77
N THR A 286 6.27 22.37 4.67
CA THR A 286 7.26 21.62 3.90
C THR A 286 6.52 20.57 3.10
N ALA A 287 7.15 20.11 2.02
CA ALA A 287 6.58 19.08 1.18
C ALA A 287 7.73 18.28 0.60
N CYS A 288 7.48 17.00 0.35
CA CYS A 288 8.51 16.14 -0.20
C CYS A 288 8.09 15.63 -1.57
N HIS A 289 8.99 15.75 -2.55
CA HIS A 289 8.68 15.34 -3.90
C HIS A 289 8.37 13.85 -3.96
N PRO A 290 7.40 13.45 -4.80
CA PRO A 290 6.96 12.05 -4.79
C PRO A 290 7.99 11.05 -5.32
N THR A 291 8.96 11.48 -6.13
CA THR A 291 9.91 10.52 -6.70
C THR A 291 11.39 10.90 -6.54
N GLU A 292 11.69 12.19 -6.50
CA GLU A 292 13.06 12.66 -6.35
C GLU A 292 13.31 13.18 -4.94
N ASN A 293 14.58 13.23 -4.54
CA ASN A 293 14.93 13.73 -3.21
C ASN A 293 14.97 15.24 -3.21
N ILE A 294 13.78 15.83 -3.10
CA ILE A 294 13.59 17.26 -3.21
C ILE A 294 12.59 17.67 -2.15
N ILE A 295 12.92 18.70 -1.38
CA ILE A 295 12.02 19.26 -0.39
C ILE A 295 11.68 20.69 -0.78
N ALA A 296 10.40 21.04 -0.62
CA ALA A 296 9.96 22.43 -0.72
C ALA A 296 9.64 22.92 0.68
N SER A 297 10.04 24.15 0.99
CA SER A 297 9.71 24.78 2.26
C SER A 297 9.17 26.18 2.03
N ALA A 298 8.30 26.62 2.94
CA ALA A 298 7.66 27.92 2.77
C ALA A 298 7.62 28.63 4.11
N ALA A 299 7.76 29.95 4.08
CA ALA A 299 7.90 30.71 5.31
C ALA A 299 6.92 31.86 5.43
N LEU A 300 6.83 32.41 6.64
CA LEU A 300 5.87 33.48 6.95
C LEU A 300 6.35 34.84 6.45
N GLU A 301 5.64 35.89 6.84
CA GLU A 301 5.68 37.14 6.09
C GLU A 301 6.97 37.97 6.11
N ASN A 302 7.90 37.71 7.02
CA ASN A 302 9.20 38.39 6.92
C ASN A 302 10.02 37.83 5.75
N ASP A 303 9.58 36.67 5.24
CA ASP A 303 10.33 35.91 4.24
C ASP A 303 9.56 35.89 2.91
N LYS A 304 8.37 35.28 2.95
N LYS A 304 8.37 35.30 2.94
CA LYS A 304 7.44 35.24 1.81
CA LYS A 304 7.45 35.25 1.80
C LYS A 304 7.92 34.38 0.64
C LYS A 304 7.91 34.38 0.64
N THR A 305 9.00 33.63 0.82
CA THR A 305 9.51 32.80 -0.27
C THR A 305 9.31 31.31 -0.03
N ILE A 306 9.40 30.57 -1.12
CA ILE A 306 9.44 29.12 -1.07
C ILE A 306 10.86 28.75 -1.48
N LYS A 307 11.41 27.73 -0.83
CA LYS A 307 12.74 27.27 -1.22
C LYS A 307 12.69 25.82 -1.63
N LEU A 308 13.51 25.47 -2.62
CA LEU A 308 13.63 24.11 -3.10
C LEU A 308 15.02 23.59 -2.74
N TRP A 309 15.07 22.47 -2.06
CA TRP A 309 16.31 21.88 -1.60
C TRP A 309 16.43 20.51 -2.23
N LYS A 310 17.64 20.14 -2.65
CA LYS A 310 17.85 18.82 -3.24
C LYS A 310 18.97 18.07 -2.54
N SER A 311 18.80 16.76 -2.42
CA SER A 311 19.75 15.89 -1.76
C SER A 311 20.22 14.82 -2.73
N ASP A 312 21.46 14.35 -2.55
CA ASP A 312 21.96 13.24 -3.34
C ASP A 312 21.35 11.91 -2.88
N CYS A 313 20.70 11.91 -1.73
CA CYS A 313 20.17 10.67 -1.16
C CYS A 313 18.97 10.88 -0.23
N SER B 1 -28.07 5.06 9.13
CA SER B 1 -28.94 6.01 8.44
C SER B 1 -29.51 5.39 7.18
N ALA B 2 -30.71 5.85 6.81
CA ALA B 2 -31.38 5.38 5.61
C ALA B 2 -30.59 5.80 4.36
N THR B 3 -29.74 6.80 4.51
CA THR B 3 -28.94 7.33 3.39
C THR B 3 -27.60 6.60 3.22
N GLN B 4 -27.28 5.71 4.15
CA GLN B 4 -26.12 4.84 3.98
C GLN B 4 -26.31 4.03 2.72
N SER B 5 -25.26 3.91 1.92
CA SER B 5 -25.41 3.30 0.61
C SER B 5 -24.21 2.44 0.25
N LYS B 6 -24.45 1.43 -0.59
N LYS B 6 -24.43 1.43 -0.58
CA LYS B 6 -23.37 0.71 -1.22
CA LYS B 6 -23.33 0.74 -1.25
C LYS B 6 -22.75 1.63 -2.25
C LYS B 6 -22.70 1.62 -2.30
N PRO B 7 -21.44 1.89 -2.13
CA PRO B 7 -20.78 2.78 -3.09
C PRO B 7 -20.84 2.20 -4.49
N THR B 8 -20.94 3.06 -5.49
CA THR B 8 -20.90 2.61 -6.88
C THR B 8 -19.52 2.00 -7.14
N PRO B 9 -19.50 0.73 -7.57
CA PRO B 9 -18.27 0.01 -7.85
C PRO B 9 -17.33 0.79 -8.77
N VAL B 10 -16.04 0.73 -8.49
CA VAL B 10 -15.06 1.54 -9.21
C VAL B 10 -13.87 0.70 -9.64
N LYS B 11 -13.55 0.74 -10.94
CA LYS B 11 -12.41 0.00 -11.46
C LYS B 11 -11.14 0.43 -10.73
N PRO B 12 -10.21 -0.52 -10.53
CA PRO B 12 -8.95 -0.19 -9.86
C PRO B 12 -8.05 0.56 -10.83
N ASN B 13 -7.02 1.18 -10.28
CA ASN B 13 -6.06 1.93 -11.09
C ASN B 13 -4.66 1.61 -10.63
N TYR B 14 -4.38 0.31 -10.52
CA TYR B 14 -3.05 -0.17 -10.16
C TYR B 14 -2.02 0.47 -11.08
N ALA B 15 -0.99 1.06 -10.47
CA ALA B 15 0.10 1.69 -11.21
C ALA B 15 1.43 1.23 -10.65
N LEU B 16 2.42 1.10 -11.51
CA LEU B 16 3.72 0.60 -11.11
C LEU B 16 4.40 1.56 -10.15
N LYS B 17 4.82 1.05 -9.01
CA LYS B 17 5.51 1.88 -8.03
C LYS B 17 6.97 1.47 -7.86
N PHE B 18 7.23 0.16 -7.84
CA PHE B 18 8.59 -0.31 -7.62
C PHE B 18 8.89 -1.51 -8.46
N THR B 19 10.13 -1.60 -8.94
CA THR B 19 10.62 -2.81 -9.58
C THR B 19 11.74 -3.38 -8.72
N LEU B 20 11.62 -4.66 -8.40
CA LEU B 20 12.49 -5.31 -7.43
C LEU B 20 13.45 -6.23 -8.16
N ALA B 21 14.70 -5.79 -8.29
CA ALA B 21 15.71 -6.51 -9.03
C ALA B 21 16.68 -7.21 -8.08
N GLY B 22 17.11 -8.40 -8.46
CA GLY B 22 18.07 -9.12 -7.65
C GLY B 22 18.19 -10.58 -8.00
N HIS B 23 17.06 -11.20 -8.31
CA HIS B 23 17.10 -12.59 -8.77
C HIS B 23 17.82 -12.68 -10.11
N THR B 24 18.49 -13.80 -10.34
CA THR B 24 19.30 -13.95 -11.55
C THR B 24 18.73 -14.98 -12.53
N LYS B 25 17.60 -15.56 -12.17
CA LYS B 25 16.84 -16.43 -13.07
C LYS B 25 15.35 -16.13 -12.87
N ALA B 26 14.48 -16.88 -13.55
CA ALA B 26 13.04 -16.68 -13.42
C ALA B 26 12.61 -16.62 -11.96
N VAL B 27 11.71 -15.70 -11.66
CA VAL B 27 11.08 -15.70 -10.34
C VAL B 27 9.95 -16.72 -10.46
N SER B 28 9.69 -17.46 -9.40
CA SER B 28 8.68 -18.51 -9.48
C SER B 28 7.44 -18.25 -8.62
N SER B 29 7.60 -17.42 -7.60
N SER B 29 7.60 -17.45 -7.57
CA SER B 29 6.50 -17.16 -6.67
CA SER B 29 6.47 -17.12 -6.71
C SER B 29 6.78 -15.91 -5.85
C SER B 29 6.77 -15.90 -5.87
N VAL B 30 5.71 -15.17 -5.55
CA VAL B 30 5.79 -14.04 -4.63
C VAL B 30 4.62 -14.17 -3.66
N LYS B 31 4.87 -13.84 -2.40
CA LYS B 31 3.85 -13.93 -1.35
C LYS B 31 4.09 -12.82 -0.33
N PHE B 32 3.01 -12.13 0.04
CA PHE B 32 3.07 -11.16 1.13
C PHE B 32 2.93 -11.86 2.48
N SER B 33 3.73 -11.44 3.45
CA SER B 33 3.56 -11.96 4.80
C SER B 33 2.18 -11.57 5.34
N PRO B 34 1.58 -12.45 6.17
CA PRO B 34 0.25 -12.15 6.70
C PRO B 34 0.19 -10.84 7.48
N ASN B 35 1.30 -10.42 8.09
CA ASN B 35 1.33 -9.17 8.85
C ASN B 35 1.53 -7.94 7.97
N GLY B 36 1.67 -8.16 6.66
CA GLY B 36 1.71 -7.07 5.70
C GLY B 36 3.05 -6.36 5.56
N GLU B 37 4.03 -6.77 6.34
CA GLU B 37 5.30 -6.08 6.37
C GLU B 37 6.25 -6.47 5.24
N TRP B 38 6.16 -7.72 4.77
CA TRP B 38 7.18 -8.27 3.89
C TRP B 38 6.61 -8.94 2.65
N LEU B 39 7.45 -9.03 1.63
CA LEU B 39 7.18 -9.82 0.44
C LEU B 39 8.31 -10.84 0.34
N ALA B 40 7.96 -12.12 0.19
CA ALA B 40 8.96 -13.15 -0.09
C ALA B 40 8.85 -13.55 -1.54
N SER B 41 10.01 -13.78 -2.15
CA SER B 41 10.05 -14.28 -3.52
C SER B 41 10.92 -15.51 -3.59
N SER B 42 10.58 -16.41 -4.51
CA SER B 42 11.43 -17.55 -4.79
C SER B 42 11.80 -17.56 -6.24
N SER B 43 12.86 -18.28 -6.57
CA SER B 43 13.38 -18.22 -7.93
C SER B 43 14.08 -19.50 -8.36
N ALA B 44 14.13 -19.70 -9.66
CA ALA B 44 14.96 -20.75 -10.25
C ALA B 44 16.43 -20.59 -9.90
N ASP B 45 16.82 -19.41 -9.43
CA ASP B 45 18.19 -19.16 -8.99
C ASP B 45 18.55 -19.77 -7.64
N LYS B 46 17.65 -20.60 -7.10
N LYS B 46 17.64 -20.58 -7.11
CA LYS B 46 17.81 -21.33 -5.83
CA LYS B 46 17.82 -21.31 -5.85
C LYS B 46 17.61 -20.47 -4.59
C LYS B 46 17.70 -20.44 -4.60
N LEU B 47 17.26 -19.20 -4.77
CA LEU B 47 17.19 -18.26 -3.65
C LEU B 47 15.79 -17.84 -3.30
N ILE B 48 15.63 -17.53 -2.02
CA ILE B 48 14.49 -16.77 -1.52
C ILE B 48 14.98 -15.36 -1.21
N LYS B 49 14.20 -14.37 -1.58
CA LYS B 49 14.52 -13.01 -1.17
C LYS B 49 13.35 -12.40 -0.44
N ILE B 50 13.67 -11.54 0.51
CA ILE B 50 12.67 -10.83 1.30
C ILE B 50 12.79 -9.35 0.97
N TRP B 51 11.65 -8.70 0.80
CA TRP B 51 11.62 -7.30 0.41
C TRP B 51 10.57 -6.59 1.25
N GLY B 52 10.75 -5.30 1.47
CA GLY B 52 9.71 -4.53 2.15
C GLY B 52 8.43 -4.52 1.32
N ALA B 53 7.31 -4.79 1.97
CA ALA B 53 6.04 -4.93 1.26
C ALA B 53 5.51 -3.61 0.74
N TYR B 54 5.90 -2.52 1.40
CA TYR B 54 5.38 -1.20 1.07
C TYR B 54 6.35 -0.39 0.23
N ASP B 55 7.65 -0.62 0.41
CA ASP B 55 8.65 0.19 -0.26
C ASP B 55 9.54 -0.58 -1.23
N GLY B 56 9.32 -1.90 -1.31
CA GLY B 56 10.07 -2.76 -2.20
C GLY B 56 11.55 -2.93 -1.89
N LYS B 57 11.98 -2.40 -0.76
CA LYS B 57 13.39 -2.40 -0.41
C LYS B 57 13.88 -3.80 -0.12
N PHE B 58 14.98 -4.21 -0.76
CA PHE B 58 15.57 -5.50 -0.47
C PHE B 58 15.90 -5.61 1.01
N GLU B 59 15.55 -6.74 1.62
CA GLU B 59 15.83 -6.98 3.03
C GLU B 59 16.90 -8.05 3.25
N LYS B 60 16.73 -9.21 2.62
CA LYS B 60 17.71 -10.29 2.77
C LYS B 60 17.53 -11.38 1.73
N THR B 61 18.58 -12.16 1.56
CA THR B 61 18.53 -13.37 0.74
C THR B 61 18.62 -14.58 1.65
N ILE B 62 17.81 -15.59 1.35
CA ILE B 62 17.78 -16.83 2.11
C ILE B 62 18.20 -17.97 1.18
N SER B 63 19.29 -18.64 1.55
N SER B 63 19.28 -18.65 1.53
CA SER B 63 19.93 -19.62 0.67
CA SER B 63 19.87 -19.63 0.63
C SER B 63 20.03 -20.99 1.32
C SER B 63 20.08 -20.98 1.30
N GLY B 64 20.12 -22.03 0.49
CA GLY B 64 20.33 -23.37 1.00
C GLY B 64 19.87 -24.49 0.09
N HIS B 65 18.80 -24.26 -0.66
CA HIS B 65 18.36 -25.25 -1.64
C HIS B 65 19.45 -25.45 -2.67
N LYS B 66 19.54 -26.64 -3.20
CA LYS B 66 20.59 -26.99 -4.11
C LYS B 66 20.17 -26.90 -5.54
N LEU B 67 18.89 -26.78 -5.76
CA LEU B 67 18.33 -26.52 -7.07
C LEU B 67 17.25 -25.46 -6.96
N GLY B 68 16.63 -25.12 -8.08
CA GLY B 68 15.66 -24.04 -8.14
C GLY B 68 14.46 -24.26 -7.25
N ILE B 69 13.78 -23.16 -6.93
CA ILE B 69 12.62 -23.21 -6.05
C ILE B 69 11.40 -22.82 -6.85
N SER B 70 10.31 -23.57 -6.66
CA SER B 70 9.05 -23.31 -7.37
C SER B 70 8.04 -22.51 -6.56
N ASP B 71 8.17 -22.51 -5.24
CA ASP B 71 7.11 -21.92 -4.42
C ASP B 71 7.65 -21.64 -3.03
N VAL B 72 7.11 -20.61 -2.38
N VAL B 72 7.14 -20.57 -2.39
CA VAL B 72 7.46 -20.32 -1.00
CA VAL B 72 7.41 -20.26 -1.02
C VAL B 72 6.17 -19.86 -0.35
C VAL B 72 6.15 -19.82 -0.34
N ALA B 73 6.02 -20.09 0.96
CA ALA B 73 4.79 -19.74 1.67
C ALA B 73 5.09 -19.36 3.10
N TRP B 74 4.29 -18.44 3.65
CA TRP B 74 4.48 -17.94 5.00
C TRP B 74 3.65 -18.68 6.04
N SER B 75 4.18 -18.80 7.25
CA SER B 75 3.35 -19.22 8.38
C SER B 75 2.41 -18.08 8.77
N SER B 76 1.36 -18.42 9.52
N SER B 76 1.36 -18.41 9.53
CA SER B 76 0.35 -17.43 9.90
CA SER B 76 0.35 -17.43 9.90
C SER B 76 0.92 -16.27 10.71
C SER B 76 0.91 -16.28 10.74
N ASP B 77 1.96 -16.53 11.51
CA ASP B 77 2.56 -15.49 12.35
C ASP B 77 3.68 -14.71 11.65
N SER B 78 3.87 -15.00 10.36
CA SER B 78 4.87 -14.32 9.53
C SER B 78 6.32 -14.60 9.93
N ASN B 79 6.54 -15.58 10.82
CA ASN B 79 7.89 -15.84 11.31
C ASN B 79 8.63 -16.94 10.56
N LEU B 80 7.88 -17.80 9.87
CA LEU B 80 8.47 -18.91 9.13
C LEU B 80 8.12 -18.83 7.67
N LEU B 81 8.99 -19.44 6.86
CA LEU B 81 8.69 -19.66 5.44
C LEU B 81 8.88 -21.14 5.19
N VAL B 82 8.14 -21.66 4.22
CA VAL B 82 8.47 -22.97 3.68
C VAL B 82 8.67 -22.82 2.18
N SER B 83 9.64 -23.53 1.63
CA SER B 83 9.91 -23.48 0.21
C SER B 83 9.90 -24.87 -0.40
N ALA B 84 9.53 -24.95 -1.68
CA ALA B 84 9.46 -26.23 -2.39
C ALA B 84 10.45 -26.20 -3.55
N SER B 85 11.30 -27.22 -3.66
CA SER B 85 12.42 -27.13 -4.60
C SER B 85 12.57 -28.33 -5.53
N ASP B 86 13.24 -28.09 -6.64
CA ASP B 86 13.64 -29.16 -7.56
C ASP B 86 14.62 -30.14 -6.92
N ASP B 87 15.19 -29.79 -5.77
CA ASP B 87 16.08 -30.71 -5.07
C ASP B 87 15.33 -31.80 -4.30
N LYS B 88 14.01 -31.84 -4.51
CA LYS B 88 13.11 -32.86 -3.99
C LYS B 88 12.76 -32.63 -2.52
N THR B 89 13.24 -31.51 -1.98
CA THR B 89 12.94 -31.21 -0.58
C THR B 89 12.09 -29.96 -0.43
N LEU B 90 11.46 -29.85 0.73
CA LEU B 90 11.03 -28.55 1.21
C LEU B 90 11.95 -28.14 2.33
N LYS B 91 12.08 -26.83 2.53
CA LYS B 91 12.82 -26.34 3.68
C LYS B 91 11.95 -25.38 4.48
N ILE B 92 12.03 -25.47 5.80
CA ILE B 92 11.39 -24.53 6.69
C ILE B 92 12.45 -23.56 7.17
N TRP B 93 12.15 -22.26 7.07
CA TRP B 93 13.11 -21.22 7.36
C TRP B 93 12.63 -20.31 8.48
N ASP B 94 13.56 -19.96 9.36
CA ASP B 94 13.32 -18.88 10.31
C ASP B 94 13.67 -17.61 9.57
N VAL B 95 12.66 -16.78 9.30
N VAL B 95 12.68 -16.76 9.31
CA VAL B 95 12.87 -15.60 8.48
CA VAL B 95 12.91 -15.59 8.45
C VAL B 95 13.85 -14.62 9.12
C VAL B 95 13.75 -14.50 9.10
N SER B 96 13.74 -14.44 10.43
CA SER B 96 14.59 -13.50 11.15
C SER B 96 16.07 -13.81 10.96
N SER B 97 16.42 -15.08 11.14
CA SER B 97 17.82 -15.48 11.12
C SER B 97 18.25 -15.85 9.69
N GLY B 98 17.28 -16.13 8.84
CA GLY B 98 17.54 -16.58 7.49
C GLY B 98 18.02 -18.02 7.41
N LYS B 99 17.96 -18.72 8.53
N LYS B 99 17.96 -18.72 8.53
CA LYS B 99 18.49 -20.07 8.61
CA LYS B 99 18.51 -20.08 8.60
C LYS B 99 17.43 -21.15 8.38
C LYS B 99 17.46 -21.17 8.46
N CYS B 100 17.87 -22.30 7.88
CA CYS B 100 16.98 -23.43 7.69
C CYS B 100 16.78 -24.15 9.02
N LEU B 101 15.53 -24.29 9.43
CA LEU B 101 15.17 -25.03 10.63
C LEU B 101 15.05 -26.53 10.37
N LYS B 102 14.44 -26.89 9.25
CA LYS B 102 14.19 -28.29 8.90
C LYS B 102 14.22 -28.46 7.39
N THR B 103 14.70 -29.62 6.96
CA THR B 103 14.60 -30.03 5.57
C THR B 103 13.65 -31.22 5.52
N LEU B 104 12.60 -31.07 4.71
CA LEU B 104 11.53 -32.05 4.65
C LEU B 104 11.80 -32.99 3.48
N LYS B 105 12.19 -34.22 3.80
CA LYS B 105 12.64 -35.19 2.82
C LYS B 105 11.62 -36.29 2.69
N GLY B 106 11.34 -36.71 1.46
CA GLY B 106 10.37 -37.76 1.23
C GLY B 106 9.90 -37.82 -0.20
N HIS B 107 9.69 -36.65 -0.82
CA HIS B 107 9.30 -36.65 -2.23
C HIS B 107 10.39 -37.26 -3.09
N SER B 108 9.99 -37.89 -4.18
CA SER B 108 10.93 -38.59 -5.04
C SER B 108 11.18 -37.83 -6.34
N ASN B 109 10.65 -36.61 -6.43
CA ASN B 109 10.90 -35.75 -7.58
C ASN B 109 10.65 -34.30 -7.17
N TYR B 110 10.75 -33.38 -8.12
CA TYR B 110 10.61 -31.94 -7.83
C TYR B 110 9.40 -31.66 -6.97
N VAL B 111 9.55 -30.79 -5.97
CA VAL B 111 8.41 -30.36 -5.18
C VAL B 111 7.97 -29.03 -5.81
N PHE B 112 6.69 -28.93 -6.15
N PHE B 112 6.69 -28.94 -6.17
CA PHE B 112 6.24 -27.78 -6.94
CA PHE B 112 6.18 -27.82 -6.95
C PHE B 112 5.38 -26.78 -6.17
C PHE B 112 5.46 -26.77 -6.13
N CYS B 113 4.80 -27.19 -5.06
CA CYS B 113 3.88 -26.33 -4.35
C CYS B 113 3.84 -26.64 -2.87
N CYS B 114 3.53 -25.62 -2.07
CA CYS B 114 3.51 -25.80 -0.62
C CYS B 114 2.68 -24.74 0.07
N ASN B 115 2.23 -25.07 1.27
CA ASN B 115 1.51 -24.13 2.12
C ASN B 115 1.50 -24.62 3.56
N PHE B 116 1.50 -23.67 4.48
CA PHE B 116 1.21 -23.97 5.89
C PHE B 116 -0.30 -24.05 6.05
N ASN B 117 -0.76 -24.80 7.06
CA ASN B 117 -2.16 -24.65 7.50
C ASN B 117 -2.30 -23.38 8.36
N PRO B 118 -3.55 -22.96 8.62
CA PRO B 118 -3.72 -21.74 9.42
C PRO B 118 -3.05 -21.84 10.80
N GLN B 119 -3.15 -22.99 11.46
CA GLN B 119 -2.48 -23.16 12.75
C GLN B 119 -0.97 -23.09 12.58
N SER B 120 -0.51 -23.47 11.39
CA SER B 120 0.90 -23.48 11.00
C SER B 120 1.72 -24.54 11.74
N ASN B 121 1.01 -25.54 12.26
CA ASN B 121 1.67 -26.74 12.79
C ASN B 121 1.92 -27.77 11.68
N LEU B 122 1.27 -27.59 10.53
CA LEU B 122 1.42 -28.50 9.40
C LEU B 122 1.80 -27.78 8.13
N ILE B 123 2.45 -28.51 7.24
CA ILE B 123 2.74 -28.06 5.89
C ILE B 123 2.17 -29.08 4.93
N VAL B 124 1.57 -28.61 3.84
CA VAL B 124 1.19 -29.49 2.74
C VAL B 124 2.06 -29.21 1.53
N SER B 125 2.42 -30.28 0.82
CA SER B 125 3.25 -30.15 -0.37
C SER B 125 2.70 -31.00 -1.50
N GLY B 126 3.01 -30.59 -2.72
CA GLY B 126 2.68 -31.35 -3.92
C GLY B 126 3.87 -31.42 -4.82
N SER B 127 3.98 -32.54 -5.53
CA SER B 127 5.20 -32.84 -6.26
C SER B 127 4.95 -33.43 -7.64
N PHE B 128 5.98 -33.33 -8.48
CA PHE B 128 6.01 -34.03 -9.76
C PHE B 128 5.81 -35.53 -9.57
N ASP B 129 6.11 -36.03 -8.37
CA ASP B 129 5.96 -37.46 -8.05
C ASP B 129 4.52 -37.92 -7.88
N GLU B 130 3.59 -36.97 -8.06
CA GLU B 130 2.14 -37.21 -8.10
C GLU B 130 1.51 -37.38 -6.72
N SER B 131 2.31 -37.18 -5.67
CA SER B 131 1.81 -37.26 -4.31
C SER B 131 1.62 -35.90 -3.66
N VAL B 132 0.76 -35.88 -2.65
CA VAL B 132 0.58 -34.76 -1.75
C VAL B 132 1.07 -35.26 -0.40
N ARG B 133 1.96 -34.51 0.25
CA ARG B 133 2.45 -34.90 1.56
C ARG B 133 2.04 -33.88 2.63
N ILE B 134 1.78 -34.38 3.83
CA ILE B 134 1.47 -33.54 4.98
C ILE B 134 2.58 -33.72 6.00
N TRP B 135 3.17 -32.60 6.41
CA TRP B 135 4.37 -32.62 7.24
C TRP B 135 4.12 -31.95 8.57
N ASP B 136 4.79 -32.46 9.61
CA ASP B 136 4.78 -31.81 10.92
C ASP B 136 5.87 -30.75 10.96
N VAL B 137 5.48 -29.51 11.21
CA VAL B 137 6.43 -28.39 11.24
C VAL B 137 7.46 -28.55 12.36
N LYS B 138 7.02 -28.99 13.53
CA LYS B 138 7.91 -29.07 14.68
C LYS B 138 8.98 -30.15 14.54
N THR B 139 8.61 -31.30 14.00
CA THR B 139 9.55 -32.40 13.84
C THR B 139 10.20 -32.43 12.46
N GLY B 140 9.55 -31.83 11.48
CA GLY B 140 10.04 -31.88 10.11
C GLY B 140 9.80 -33.22 9.45
N LYS B 141 8.98 -34.05 10.07
CA LYS B 141 8.72 -35.39 9.55
C LYS B 141 7.44 -35.45 8.73
N CYS B 142 7.41 -36.34 7.75
CA CYS B 142 6.20 -36.54 6.97
C CYS B 142 5.20 -37.33 7.80
N LEU B 143 3.99 -36.80 7.93
CA LEU B 143 2.92 -37.47 8.67
C LEU B 143 2.06 -38.35 7.77
N LYS B 144 1.80 -37.89 6.55
CA LYS B 144 0.98 -38.64 5.61
C LYS B 144 1.44 -38.42 4.19
N THR B 145 1.36 -39.47 3.39
CA THR B 145 1.58 -39.37 1.95
C THR B 145 0.30 -39.78 1.24
N LEU B 146 -0.28 -38.84 0.51
CA LEU B 146 -1.52 -39.10 -0.21
C LEU B 146 -1.19 -39.43 -1.65
N PRO B 147 -1.66 -40.60 -2.13
CA PRO B 147 -1.48 -40.93 -3.55
C PRO B 147 -2.49 -40.13 -4.35
N ALA B 148 -2.25 -38.83 -4.43
CA ALA B 148 -3.31 -37.88 -4.77
C ALA B 148 -3.72 -37.83 -6.22
N HIS B 149 -2.77 -38.03 -7.13
CA HIS B 149 -3.00 -37.76 -8.54
C HIS B 149 -2.21 -38.73 -9.40
N SER B 150 -2.49 -38.69 -10.70
CA SER B 150 -1.78 -39.57 -11.63
C SER B 150 -0.90 -38.78 -12.60
N ASP B 151 -0.54 -37.56 -12.19
CA ASP B 151 0.35 -36.67 -12.94
C ASP B 151 0.84 -35.63 -11.93
N PRO B 152 1.79 -34.76 -12.32
CA PRO B 152 2.34 -33.81 -11.36
C PRO B 152 1.29 -32.96 -10.66
N VAL B 153 1.51 -32.70 -9.38
CA VAL B 153 0.59 -31.90 -8.58
C VAL B 153 0.97 -30.44 -8.72
N SER B 154 0.04 -29.63 -9.20
CA SER B 154 0.32 -28.22 -9.51
C SER B 154 0.08 -27.24 -8.36
N ALA B 155 -0.82 -27.61 -7.44
CA ALA B 155 -1.15 -26.73 -6.32
C ALA B 155 -1.74 -27.49 -5.15
N VAL B 156 -1.50 -26.98 -3.94
CA VAL B 156 -2.07 -27.52 -2.71
C VAL B 156 -2.38 -26.34 -1.79
N HIS B 157 -3.51 -26.42 -1.09
CA HIS B 157 -3.95 -25.29 -0.25
C HIS B 157 -4.86 -25.82 0.84
N PHE B 158 -4.70 -25.30 2.06
CA PHE B 158 -5.61 -25.63 3.14
C PHE B 158 -6.75 -24.65 3.15
N ASN B 159 -7.89 -25.09 3.68
CA ASN B 159 -9.00 -24.17 3.96
C ASN B 159 -8.78 -23.42 5.27
N ARG B 160 -9.77 -22.65 5.70
CA ARG B 160 -9.56 -21.66 6.75
C ARG B 160 -9.31 -22.22 8.13
N ASP B 161 -9.69 -23.46 8.39
CA ASP B 161 -9.39 -24.08 9.66
C ASP B 161 -8.45 -25.28 9.53
N GLY B 162 -7.88 -25.45 8.35
CA GLY B 162 -6.93 -26.52 8.09
C GLY B 162 -7.53 -27.91 8.03
N SER B 163 -8.86 -28.03 8.07
CA SER B 163 -9.50 -29.34 8.08
C SER B 163 -9.56 -29.99 6.69
N LEU B 164 -9.38 -29.18 5.64
CA LEU B 164 -9.42 -29.66 4.26
C LEU B 164 -8.22 -29.18 3.50
N ILE B 165 -7.79 -30.00 2.56
CA ILE B 165 -6.77 -29.61 1.59
C ILE B 165 -7.40 -29.73 0.21
N VAL B 166 -7.12 -28.76 -0.66
CA VAL B 166 -7.47 -28.91 -2.07
C VAL B 166 -6.18 -29.08 -2.88
N SER B 167 -6.20 -30.03 -3.81
CA SER B 167 -5.07 -30.22 -4.69
C SER B 167 -5.51 -30.23 -6.14
N SER B 168 -4.59 -29.87 -7.02
CA SER B 168 -4.83 -29.87 -8.47
C SER B 168 -3.68 -30.58 -9.18
N SER B 169 -3.96 -31.03 -10.37
CA SER B 169 -2.94 -31.78 -11.14
C SER B 169 -3.14 -31.67 -12.63
N TYR B 170 -2.07 -31.99 -13.33
CA TYR B 170 -2.11 -32.07 -14.80
C TYR B 170 -2.99 -33.25 -15.22
N ASP B 171 -3.24 -34.21 -14.33
CA ASP B 171 -4.22 -35.29 -14.57
C ASP B 171 -5.61 -34.74 -14.88
N GLY B 172 -5.84 -33.45 -14.63
CA GLY B 172 -7.12 -32.87 -15.00
C GLY B 172 -8.07 -32.80 -13.81
N LEU B 173 -7.62 -33.26 -12.66
CA LEU B 173 -8.48 -33.33 -11.50
C LEU B 173 -8.20 -32.29 -10.44
N CYS B 174 -9.25 -31.87 -9.76
N CYS B 174 -9.25 -31.94 -9.72
CA CYS B 174 -9.11 -31.18 -8.48
CA CYS B 174 -9.11 -31.19 -8.48
C CYS B 174 -9.64 -32.16 -7.44
C CYS B 174 -9.71 -32.04 -7.37
N ARG B 175 -8.95 -32.29 -6.32
CA ARG B 175 -9.44 -33.15 -5.24
C ARG B 175 -9.45 -32.43 -3.90
N ILE B 176 -10.48 -32.74 -3.11
N ILE B 176 -10.46 -32.75 -3.08
CA ILE B 176 -10.61 -32.24 -1.73
CA ILE B 176 -10.54 -32.21 -1.73
C ILE B 176 -10.27 -33.39 -0.80
C ILE B 176 -10.37 -33.32 -0.72
N TRP B 177 -9.42 -33.12 0.19
CA TRP B 177 -8.99 -34.13 1.13
C TRP B 177 -9.30 -33.73 2.56
N ASP B 178 -9.71 -34.70 3.36
CA ASP B 178 -9.84 -34.53 4.79
C ASP B 178 -8.44 -34.57 5.38
N THR B 179 -7.98 -33.46 5.95
CA THR B 179 -6.63 -33.39 6.50
C THR B 179 -6.33 -34.47 7.54
N ALA B 180 -7.25 -34.66 8.48
CA ALA B 180 -7.03 -35.54 9.61
C ALA B 180 -6.82 -36.99 9.20
N SER B 181 -7.57 -37.45 8.20
CA SER B 181 -7.51 -38.85 7.78
C SER B 181 -6.71 -39.09 6.50
N GLY B 182 -6.57 -38.06 5.68
CA GLY B 182 -5.94 -38.21 4.37
C GLY B 182 -6.90 -38.74 3.32
N GLN B 183 -8.16 -38.93 3.70
CA GLN B 183 -9.15 -39.46 2.79
C GLN B 183 -9.66 -38.43 1.78
N CYS B 184 -9.85 -38.88 0.55
CA CYS B 184 -10.42 -38.02 -0.47
C CYS B 184 -11.91 -37.86 -0.28
N LEU B 185 -12.37 -36.62 -0.17
CA LEU B 185 -13.78 -36.35 0.06
C LEU B 185 -14.52 -36.05 -1.23
N LYS B 186 -13.81 -35.47 -2.20
CA LYS B 186 -14.44 -35.06 -3.45
C LYS B 186 -13.44 -34.93 -4.59
N THR B 187 -13.90 -35.23 -5.80
CA THR B 187 -13.09 -35.08 -6.99
C THR B 187 -13.89 -34.31 -8.03
N LEU B 188 -13.31 -33.25 -8.57
N LEU B 188 -13.31 -33.26 -8.59
CA LEU B 188 -13.92 -32.50 -9.65
CA LEU B 188 -14.02 -32.50 -9.62
C LEU B 188 -13.52 -33.09 -10.99
C LEU B 188 -13.57 -32.91 -11.02
N ILE B 189 -14.51 -33.44 -11.80
CA ILE B 189 -14.25 -34.03 -13.11
C ILE B 189 -14.68 -33.14 -14.26
N ASP B 190 -13.82 -33.01 -15.26
CA ASP B 190 -14.16 -32.30 -16.49
C ASP B 190 -14.09 -33.31 -17.64
N ASP B 191 -15.15 -33.38 -18.44
CA ASP B 191 -15.21 -34.31 -19.56
C ASP B 191 -14.07 -34.10 -20.55
N ASP B 192 -13.66 -32.84 -20.73
CA ASP B 192 -12.52 -32.53 -21.58
C ASP B 192 -11.22 -32.79 -20.85
N ASN B 193 -11.28 -32.73 -19.52
CA ASN B 193 -10.14 -33.06 -18.66
C ASN B 193 -8.85 -32.26 -18.92
N PRO B 194 -8.95 -30.92 -19.09
CA PRO B 194 -7.70 -30.21 -19.32
C PRO B 194 -6.87 -30.15 -18.04
N PRO B 195 -5.55 -30.09 -18.16
CA PRO B 195 -4.67 -29.96 -16.99
C PRO B 195 -5.13 -28.84 -16.08
N VAL B 196 -5.23 -29.13 -14.78
CA VAL B 196 -5.52 -28.11 -13.80
C VAL B 196 -4.18 -27.58 -13.26
N SER B 197 -3.93 -26.30 -13.48
CA SER B 197 -2.61 -25.73 -13.23
C SER B 197 -2.52 -24.95 -11.92
N PHE B 198 -3.66 -24.70 -11.30
CA PHE B 198 -3.69 -24.01 -10.01
C PHE B 198 -5.04 -24.17 -9.37
N VAL B 199 -5.06 -24.25 -8.05
CA VAL B 199 -6.30 -24.21 -7.28
C VAL B 199 -6.03 -23.62 -5.90
N LYS B 200 -7.03 -22.96 -5.34
CA LYS B 200 -6.98 -22.55 -3.94
C LYS B 200 -8.39 -22.33 -3.43
N PHE B 201 -8.55 -22.41 -2.11
CA PHE B 201 -9.82 -22.06 -1.50
C PHE B 201 -10.03 -20.56 -1.53
N SER B 202 -11.29 -20.16 -1.63
CA SER B 202 -11.67 -18.75 -1.46
C SER B 202 -11.40 -18.29 -0.01
N PRO B 203 -11.36 -16.97 0.21
CA PRO B 203 -11.04 -16.47 1.56
C PRO B 203 -12.02 -16.87 2.66
N ASN B 204 -13.24 -17.28 2.29
CA ASN B 204 -14.15 -17.82 3.29
C ASN B 204 -14.24 -19.34 3.26
N GLY B 205 -13.39 -19.98 2.46
CA GLY B 205 -13.33 -21.43 2.35
C GLY B 205 -14.51 -22.12 1.69
N LYS B 206 -15.43 -21.34 1.14
CA LYS B 206 -16.69 -21.87 0.61
C LYS B 206 -16.54 -22.33 -0.85
N TYR B 207 -15.58 -21.76 -1.56
CA TYR B 207 -15.40 -22.03 -2.98
C TYR B 207 -13.96 -22.43 -3.24
N ILE B 208 -13.71 -23.00 -4.42
CA ILE B 208 -12.35 -23.14 -4.89
C ILE B 208 -12.19 -22.40 -6.20
N LEU B 209 -11.04 -21.76 -6.38
CA LEU B 209 -10.73 -21.09 -7.63
C LEU B 209 -9.71 -21.96 -8.37
N ALA B 210 -10.05 -22.40 -9.58
CA ALA B 210 -9.18 -23.32 -10.31
C ALA B 210 -8.82 -22.79 -11.69
N ALA B 211 -7.54 -22.92 -12.05
CA ALA B 211 -7.06 -22.56 -13.37
C ALA B 211 -6.84 -23.84 -14.16
N THR B 212 -7.24 -23.83 -15.43
CA THR B 212 -6.96 -24.94 -16.33
C THR B 212 -6.15 -24.39 -17.50
N LEU B 213 -5.37 -25.26 -18.14
CA LEU B 213 -4.49 -24.83 -19.22
C LEU B 213 -5.23 -24.67 -20.56
N ASP B 214 -6.42 -24.11 -20.48
CA ASP B 214 -7.19 -23.70 -21.63
C ASP B 214 -7.62 -22.26 -21.42
N ASN B 215 -6.74 -21.46 -20.82
CA ASN B 215 -6.98 -20.04 -20.67
C ASN B 215 -8.25 -19.73 -19.87
N THR B 216 -8.49 -20.50 -18.82
CA THR B 216 -9.74 -20.37 -18.06
C THR B 216 -9.53 -20.45 -16.56
N LEU B 217 -10.13 -19.50 -15.83
CA LEU B 217 -10.25 -19.59 -14.38
C LEU B 217 -11.71 -19.82 -14.05
N LYS B 218 -11.97 -20.70 -13.09
CA LYS B 218 -13.34 -20.98 -12.67
C LYS B 218 -13.48 -20.96 -11.16
N LEU B 219 -14.56 -20.36 -10.67
CA LEU B 219 -14.89 -20.38 -9.25
C LEU B 219 -15.98 -21.43 -9.03
N TRP B 220 -15.67 -22.42 -8.20
CA TRP B 220 -16.55 -23.57 -7.97
C TRP B 220 -17.06 -23.61 -6.55
N ASP B 221 -18.37 -23.83 -6.40
CA ASP B 221 -18.88 -24.24 -5.10
C ASP B 221 -18.71 -25.75 -5.05
N TYR B 222 -17.73 -26.20 -4.28
CA TYR B 222 -17.40 -27.62 -4.25
C TYR B 222 -18.38 -28.41 -3.39
N SER B 223 -19.15 -27.72 -2.56
CA SER B 223 -20.17 -28.37 -1.75
C SER B 223 -21.37 -28.73 -2.63
N LYS B 224 -21.67 -27.86 -3.59
CA LYS B 224 -22.79 -28.06 -4.50
C LYS B 224 -22.37 -28.59 -5.86
N GLY B 225 -21.07 -28.68 -6.09
CA GLY B 225 -20.54 -29.13 -7.37
C GLY B 225 -21.07 -28.27 -8.51
N LYS B 226 -20.93 -26.96 -8.34
CA LYS B 226 -21.50 -26.01 -9.27
C LYS B 226 -20.49 -24.90 -9.56
N CYS B 227 -20.31 -24.58 -10.84
CA CYS B 227 -19.45 -23.48 -11.24
C CYS B 227 -20.21 -22.18 -11.19
N LEU B 228 -19.71 -21.24 -10.38
CA LEU B 228 -20.44 -20.00 -10.17
C LEU B 228 -19.95 -18.88 -11.07
N LYS B 229 -18.65 -18.85 -11.33
CA LYS B 229 -18.06 -17.78 -12.14
C LYS B 229 -16.96 -18.36 -13.01
N THR B 230 -16.72 -17.71 -14.14
CA THR B 230 -15.66 -18.11 -15.04
C THR B 230 -14.98 -16.83 -15.51
N TYR B 231 -13.64 -16.85 -15.58
CA TYR B 231 -12.87 -15.68 -15.97
C TYR B 231 -11.95 -16.05 -17.13
N THR B 232 -12.06 -15.29 -18.22
CA THR B 232 -11.28 -15.57 -19.41
C THR B 232 -10.79 -14.25 -20.03
N GLY B 233 -9.95 -14.37 -21.05
CA GLY B 233 -9.43 -13.21 -21.75
C GLY B 233 -7.91 -13.15 -21.66
N HIS B 234 -7.36 -13.90 -20.72
CA HIS B 234 -5.91 -13.97 -20.55
C HIS B 234 -5.35 -15.19 -21.30
N LYS B 235 -4.07 -15.39 -21.16
CA LYS B 235 -3.42 -16.49 -21.81
C LYS B 235 -2.74 -17.41 -20.82
N ASN B 236 -3.20 -18.63 -20.79
CA ASN B 236 -2.62 -19.60 -19.89
C ASN B 236 -2.81 -21.00 -20.44
N GLU B 237 -1.81 -21.47 -21.19
CA GLU B 237 -1.85 -22.79 -21.81
C GLU B 237 -0.64 -23.64 -21.45
N LYS B 238 0.32 -23.03 -20.76
CA LYS B 238 1.58 -23.72 -20.48
C LYS B 238 1.96 -23.78 -19.00
N TYR B 239 1.92 -22.64 -18.32
CA TYR B 239 2.52 -22.55 -17.00
C TYR B 239 1.54 -22.67 -15.86
N CYS B 240 2.03 -23.09 -14.71
CA CYS B 240 1.23 -23.02 -13.50
C CYS B 240 1.30 -21.61 -12.94
N ILE B 241 0.25 -20.83 -13.21
CA ILE B 241 0.17 -19.45 -12.82
C ILE B 241 -0.80 -19.31 -11.68
N PHE B 242 -0.32 -18.71 -10.60
CA PHE B 242 -1.15 -18.45 -9.43
C PHE B 242 -2.32 -17.53 -9.79
N ALA B 243 -3.41 -17.65 -9.06
CA ALA B 243 -4.45 -16.64 -9.08
C ALA B 243 -4.80 -16.23 -7.67
N ASN B 244 -5.31 -15.01 -7.52
CA ASN B 244 -5.64 -14.49 -6.20
C ASN B 244 -7.04 -13.92 -6.12
N PHE B 245 -7.55 -13.88 -4.91
CA PHE B 245 -8.69 -13.05 -4.59
C PHE B 245 -8.15 -11.76 -4.00
N SER B 246 -8.46 -10.64 -4.64
CA SER B 246 -8.13 -9.34 -4.07
C SER B 246 -9.33 -8.87 -3.27
N VAL B 247 -9.11 -8.59 -1.99
CA VAL B 247 -10.21 -8.33 -1.05
C VAL B 247 -10.12 -7.01 -0.29
N THR B 248 -9.01 -6.30 -0.44
CA THR B 248 -8.80 -5.07 0.34
C THR B 248 -9.62 -3.89 -0.17
N GLY B 249 -9.94 -3.92 -1.46
CA GLY B 249 -10.70 -2.85 -2.06
C GLY B 249 -11.85 -3.47 -2.83
N GLY B 250 -11.94 -3.16 -4.11
CA GLY B 250 -12.89 -3.85 -4.96
C GLY B 250 -12.60 -5.33 -4.96
N LYS B 251 -13.63 -6.15 -5.08
CA LYS B 251 -13.42 -7.60 -5.05
C LYS B 251 -13.05 -8.11 -6.42
N TRP B 252 -11.77 -8.48 -6.57
CA TRP B 252 -11.24 -8.90 -7.86
C TRP B 252 -10.70 -10.31 -7.83
N ILE B 253 -10.56 -10.86 -9.03
CA ILE B 253 -9.68 -12.00 -9.28
C ILE B 253 -8.45 -11.45 -9.97
N VAL B 254 -7.26 -11.88 -9.54
CA VAL B 254 -6.01 -11.40 -10.13
C VAL B 254 -5.21 -12.60 -10.64
N SER B 255 -4.61 -12.50 -11.82
CA SER B 255 -3.77 -13.57 -12.32
C SER B 255 -2.73 -13.05 -13.30
N GLY B 256 -1.56 -13.67 -13.29
CA GLY B 256 -0.60 -13.44 -14.36
C GLY B 256 -1.07 -14.10 -15.64
N SER B 257 -0.29 -13.92 -16.68
CA SER B 257 -0.69 -14.37 -18.00
C SER B 257 0.54 -14.55 -18.88
N GLU B 258 0.39 -15.39 -19.89
CA GLU B 258 1.50 -15.73 -20.80
C GLU B 258 1.74 -14.66 -21.86
N ASP B 259 0.95 -13.59 -21.83
CA ASP B 259 1.18 -12.42 -22.67
C ASP B 259 1.88 -11.30 -21.90
N ASN B 260 2.43 -11.65 -20.73
CA ASN B 260 3.26 -10.76 -19.92
C ASN B 260 2.46 -9.69 -19.16
N LEU B 261 1.15 -9.88 -19.07
CA LEU B 261 0.28 -8.95 -18.35
C LEU B 261 -0.25 -9.52 -17.05
N VAL B 262 -0.60 -8.64 -16.12
CA VAL B 262 -1.41 -9.03 -14.98
C VAL B 262 -2.84 -8.70 -15.31
N TYR B 263 -3.72 -9.69 -15.19
CA TYR B 263 -5.14 -9.47 -15.43
C TYR B 263 -5.87 -9.32 -14.13
N ILE B 264 -6.84 -8.41 -14.12
CA ILE B 264 -7.70 -8.19 -12.97
C ILE B 264 -9.13 -8.20 -13.46
N TRP B 265 -9.95 -9.08 -12.85
CA TRP B 265 -11.37 -9.20 -13.20
C TRP B 265 -12.23 -8.80 -12.02
N ASN B 266 -13.39 -8.25 -12.32
CA ASN B 266 -14.43 -8.05 -11.32
C ASN B 266 -14.97 -9.43 -10.93
N LEU B 267 -14.92 -9.76 -9.64
CA LEU B 267 -15.26 -11.11 -9.20
C LEU B 267 -16.68 -11.48 -9.56
N GLN B 268 -17.59 -10.53 -9.38
CA GLN B 268 -19.01 -10.76 -9.64
C GLN B 268 -19.37 -10.75 -11.11
N THR B 269 -18.96 -9.72 -11.84
CA THR B 269 -19.42 -9.52 -13.22
C THR B 269 -18.59 -10.29 -14.22
N LYS B 270 -17.37 -10.65 -13.80
CA LYS B 270 -16.42 -11.43 -14.60
C LYS B 270 -15.73 -10.60 -15.69
N GLU B 271 -16.00 -9.30 -15.70
N GLU B 271 -16.01 -9.31 -15.72
CA GLU B 271 -15.39 -8.39 -16.67
CA GLU B 271 -15.39 -8.44 -16.72
C GLU B 271 -13.95 -8.11 -16.31
C GLU B 271 -13.96 -8.11 -16.33
N ILE B 272 -13.08 -8.01 -17.32
CA ILE B 272 -11.72 -7.55 -17.09
C ILE B 272 -11.77 -6.07 -16.78
N VAL B 273 -11.22 -5.69 -15.62
CA VAL B 273 -11.23 -4.28 -15.20
C VAL B 273 -9.88 -3.60 -15.30
N GLN B 274 -8.80 -4.38 -15.38
CA GLN B 274 -7.46 -3.83 -15.62
C GLN B 274 -6.50 -4.88 -16.14
N LYS B 275 -5.57 -4.46 -16.99
CA LYS B 275 -4.46 -5.28 -17.42
C LYS B 275 -3.21 -4.47 -17.14
N LEU B 276 -2.31 -5.03 -16.33
CA LEU B 276 -1.11 -4.29 -15.93
C LEU B 276 0.04 -4.62 -16.86
N GLN B 277 0.56 -3.59 -17.53
N GLN B 277 0.53 -3.59 -17.54
CA GLN B 277 1.64 -3.74 -18.49
CA GLN B 277 1.65 -3.69 -18.47
C GLN B 277 2.97 -3.25 -17.93
C GLN B 277 2.96 -3.31 -17.81
N GLY B 278 4.02 -4.03 -18.13
CA GLY B 278 5.35 -3.67 -17.66
C GLY B 278 6.34 -4.81 -17.77
N HIS B 279 5.89 -6.01 -17.41
CA HIS B 279 6.78 -7.15 -17.44
C HIS B 279 7.18 -7.50 -18.87
N THR B 280 8.34 -8.15 -18.99
CA THR B 280 8.87 -8.49 -20.31
C THR B 280 8.99 -10.01 -20.46
N ASP B 281 8.27 -10.74 -19.62
CA ASP B 281 8.15 -12.19 -19.77
C ASP B 281 6.87 -12.61 -19.06
N VAL B 282 6.54 -13.90 -19.17
CA VAL B 282 5.32 -14.46 -18.60
C VAL B 282 5.21 -14.09 -17.14
N VAL B 283 4.04 -13.60 -16.73
CA VAL B 283 3.82 -13.31 -15.32
C VAL B 283 3.30 -14.59 -14.68
N ILE B 284 4.19 -15.22 -13.90
CA ILE B 284 3.95 -16.55 -13.34
C ILE B 284 3.27 -16.48 -11.97
N SER B 285 3.43 -15.36 -11.28
CA SER B 285 2.94 -15.27 -9.91
C SER B 285 2.51 -13.85 -9.62
N THR B 286 1.41 -13.76 -8.88
CA THR B 286 0.92 -12.50 -8.35
C THR B 286 0.49 -12.76 -6.92
N ALA B 287 0.45 -11.69 -6.14
CA ALA B 287 0.06 -11.74 -4.75
C ALA B 287 -0.62 -10.42 -4.42
N CYS B 288 -1.58 -10.48 -3.51
CA CYS B 288 -2.32 -9.31 -3.06
C CYS B 288 -2.05 -9.05 -1.60
N HIS B 289 -1.68 -7.80 -1.30
CA HIS B 289 -1.34 -7.44 0.06
C HIS B 289 -2.54 -7.62 0.98
N PRO B 290 -2.30 -8.06 2.23
CA PRO B 290 -3.45 -8.42 3.07
C PRO B 290 -4.31 -7.25 3.56
N THR B 291 -3.79 -6.02 3.55
CA THR B 291 -4.57 -4.89 4.07
C THR B 291 -4.63 -3.67 3.15
N GLU B 292 -3.60 -3.49 2.32
CA GLU B 292 -3.57 -2.36 1.39
C GLU B 292 -3.78 -2.83 -0.04
N ASN B 293 -4.23 -1.92 -0.90
CA ASN B 293 -4.42 -2.20 -2.31
C ASN B 293 -3.10 -2.21 -3.06
N ILE B 294 -2.37 -3.31 -2.90
CA ILE B 294 -1.05 -3.48 -3.48
C ILE B 294 -0.97 -4.89 -4.05
N ILE B 295 -0.48 -4.97 -5.28
CA ILE B 295 -0.26 -6.24 -5.94
C ILE B 295 1.23 -6.40 -6.19
N ALA B 296 1.76 -7.60 -5.95
CA ALA B 296 3.11 -7.94 -6.40
C ALA B 296 2.96 -8.90 -7.57
N SER B 297 3.83 -8.75 -8.57
CA SER B 297 3.85 -9.68 -9.69
C SER B 297 5.28 -10.09 -10.00
N ALA B 298 5.45 -11.30 -10.54
CA ALA B 298 6.77 -11.83 -10.79
C ALA B 298 6.81 -12.48 -12.18
N ALA B 299 7.93 -12.36 -12.87
CA ALA B 299 8.01 -12.82 -14.24
C ALA B 299 9.18 -13.77 -14.48
N LEU B 300 9.13 -14.44 -15.64
CA LEU B 300 10.14 -15.44 -15.99
C LEU B 300 11.46 -14.81 -16.45
N GLU B 301 12.34 -15.62 -17.01
CA GLU B 301 13.75 -15.28 -17.06
C GLU B 301 14.20 -14.18 -18.02
N ASN B 302 13.35 -13.77 -18.96
CA ASN B 302 13.71 -12.60 -19.75
C ASN B 302 13.55 -11.31 -18.93
N ASP B 303 12.84 -11.43 -17.81
CA ASP B 303 12.49 -10.29 -16.97
C ASP B 303 13.24 -10.36 -15.62
N LYS B 304 12.95 -11.41 -14.84
N LYS B 304 12.95 -11.40 -14.85
CA LYS B 304 13.60 -11.69 -13.56
CA LYS B 304 13.61 -11.69 -13.57
C LYS B 304 13.26 -10.73 -12.44
C LYS B 304 13.27 -10.71 -12.45
N THR B 305 12.29 -9.85 -12.66
CA THR B 305 11.95 -8.87 -11.63
C THR B 305 10.60 -9.12 -11.01
N ILE B 306 10.42 -8.51 -9.85
CA ILE B 306 9.15 -8.47 -9.19
C ILE B 306 8.71 -7.03 -9.29
N LYS B 307 7.43 -6.80 -9.53
CA LYS B 307 6.90 -5.43 -9.56
C LYS B 307 5.83 -5.25 -8.51
N LEU B 308 5.85 -4.09 -7.88
CA LEU B 308 4.82 -3.69 -6.91
C LEU B 308 3.95 -2.61 -7.52
N TRP B 309 2.65 -2.86 -7.51
CA TRP B 309 1.67 -1.96 -8.10
C TRP B 309 0.72 -1.51 -7.01
N LYS B 310 0.30 -0.24 -7.05
CA LYS B 310 -0.63 0.26 -6.03
C LYS B 310 -1.83 0.91 -6.70
N SER B 311 -2.99 0.73 -6.08
CA SER B 311 -4.24 1.30 -6.57
C SER B 311 -4.82 2.21 -5.51
N ASP B 312 -5.62 3.19 -5.95
CA ASP B 312 -6.35 4.05 -5.02
C ASP B 312 -7.62 3.38 -4.49
N CYS B 313 -7.99 2.26 -5.09
CA CYS B 313 -9.18 1.53 -4.68
C CYS B 313 -9.08 0.03 -4.90
C13 QBS C . 7.27 3.63 0.38
C11 QBS C . 7.05 5.42 6.16
C10 QBS C . 5.20 3.84 6.37
CL12 QBS C . 6.09 5.00 8.66
C09 QBS C . 6.11 4.75 6.96
C07 QBS C . 5.21 3.64 4.98
C08 QBS C . 7.06 5.22 4.77
C05 QBS C . 6.16 4.30 4.17
C01 QBS C . 6.12 4.12 2.65
C03 QBS C . 4.97 3.33 2.19
N02 QBS C . 4.01 2.79 1.83
C04 QBS C . 7.43 3.94 1.87
O06 QBS C . 8.54 4.07 2.38
S SO4 D . -20.53 27.00 -7.92
O1 SO4 D . -21.43 27.72 -7.03
O2 SO4 D . -19.73 27.95 -8.68
O3 SO4 D . -21.32 26.19 -8.85
O4 SO4 D . -19.67 26.12 -7.15
S SO4 E . 4.14 15.58 1.36
O1 SO4 E . 3.93 16.99 1.07
O2 SO4 E . 3.61 15.33 2.70
O3 SO4 E . 3.41 14.76 0.38
O4 SO4 E . 5.55 15.26 1.35
C13 QBS F . -13.19 -10.42 2.95
C11 QBS F . -14.22 -13.47 -2.14
C10 QBS F . -15.30 -15.14 -0.74
CL12 QBS F . -15.48 -15.49 -3.43
C09 QBS F . -14.97 -14.65 -2.01
C07 QBS F . -14.87 -14.44 0.41
C08 QBS F . -13.80 -12.77 -1.00
C05 QBS F . -14.14 -13.25 0.29
C01 QBS F . -13.60 -12.53 1.52
C03 QBS F . -13.80 -13.32 2.77
N02 QBS F . -13.87 -14.00 3.69
C04 QBS F . -13.62 -11.00 1.61
O06 QBS F . -13.89 -10.27 0.65
S SO4 G . -2.56 -14.01 -2.16
O1 SO4 G . -3.06 -12.71 -2.58
O2 SO4 G . -2.81 -14.22 -0.72
O3 SO4 G . -1.13 -14.10 -2.44
O4 SO4 G . -3.22 -15.07 -2.91
S DMS H . -20.32 -20.25 -14.50
O DMS H . -19.41 -19.13 -14.93
C1 DMS H . -22.02 -19.63 -14.36
C2 DMS H . -20.53 -21.43 -15.86
S DMS I . -1.37 -18.38 6.44
O DMS I . -2.67 -18.79 5.84
C1 DMS I . -0.44 -19.88 6.86
C2 DMS I . -0.29 -17.69 5.15
S DMS J . -19.93 -15.44 -4.50
O DMS J . -19.39 -15.46 -5.90
C1 DMS J . -19.54 -13.84 -3.74
C2 DMS J . -21.73 -15.34 -4.54
#